data_1ZOY
#
_entry.id   1ZOY
#
_cell.length_a   70.238
_cell.length_b   83.557
_cell.length_c   293.896
_cell.angle_alpha   90.00
_cell.angle_beta   90.00
_cell.angle_gamma   90.00
#
_symmetry.space_group_name_H-M   'P 21 21 21'
#
loop_
_entity.id
_entity.type
_entity.pdbx_description
1 polymer 'FAD-binding protein'
2 polymer 'Iron-sulfur protein'
3 polymer 'Large cytochrome binding protein'
4 polymer 'Small cytochrome binding protein'
5 non-polymer 'FLAVIN-ADENINE DINUCLEOTIDE'
6 non-polymer 'FE2/S2 (INORGANIC) CLUSTER'
7 non-polymer 'IRON/SULFUR CLUSTER'
8 non-polymer 'FE3-S4 CLUSTER'
9 non-polymer UBIQUINONE-1
10 non-polymer 'PROTOPORPHYRIN IX CONTAINING FE'
11 non-polymer L-ALPHA-PHOSPHATIDYL-BETA-OLEOYL-GAMMA-PALMITOYL-PHOSPHATIDYLETHANOLAMINE
12 water water
#
loop_
_entity_poly.entity_id
_entity_poly.type
_entity_poly.pdbx_seq_one_letter_code
_entity_poly.pdbx_strand_id
1 'polypeptide(L)'
;SSAKVSDAISTQYPVVDHEFDAVVVGAGGAGLRAAFGLSEAGFNTACVTKLFPTRSHTVAAQGGINAALGNMEEDNWRWH
FYDTVKGSDWLGDQDAIHYMTEQAPASVVELENYGMPFSRTEDGKIYQRAFGGQSLKFGKGGQAHRCCCVADRTGHSLLH
TLYGRSLRYDTSYFVEYFALDLLMENGECRGVIALCIEDGSIHRIRARNTVVATGGYGRTYFSCTSAHTSTGDGTAMVTR
AGLPCQDLEFVQFHPTGIYGAGCLITEGCRGEGGILINSQGERFMERYAPVAKDLASRDVVSRSMTLEIREGRGCGPEKD
HVYLQLHHLPPEQLAVRLPGISETAMIFAGVDVTKEPIPVLPTVHYNMGGIPTNYKGQVLRHVNGQDQVVPGLYACGEAA
CASVHGANRLGANSLLDLVVFGRACALSIAESCRPGDKVPSIKPNAGEESVMNLDKLRFANGTIRTSELRLSMQKSMQSH
AAVFRVGSVLQEGCEKILRLYGDLQHLKTFDRGMVWNTDLVETLELQNLMLCALQTIYGAEARKESRGAHAREDFKERVD
EYDYSKPIQGQQKKPFQEHWRKHTLSYVDVKTGKVSLEYRPVIDKTLNEADCATVPPAIRSY
;
A
2 'polypeptide(L)'
;AQTAAATAPRIKKFAIYRWDPDKTGDKPHMQTYEIDLNNCGPMVLDALIKIKNEIDSTLTFRRSCREGICGSCAMNINGG
NTLACTRRIDTNLDKVSKIYPLPHMYVIKDLVPDLSNFYAQYKSIEPYLKKKDESQEGKQQYLQSIEEREKLDGLYECIL
CACCSTSCPSYWWNGDKYLGPAVLMQAYRWMIDSRDDFTEERLAKLQDPFSLYRCHTIMNCTGTCPKGLNPGKAIAEIKK
MMATYKEKKASV
;
B
3 'polypeptide(L)'
;LGTTAKEEMERFWNKNLGSNRPLSPHITIYRWSLPMAMSICHRGTGIALSAGVSLFGLSALLLPGNFESHLELVKSLCLG
PTLIYTAKFGIVFPLMYHTWNGIRHLIWDLGKGLTIPQLTQSGVVVLILTVLSSVGLAAM
;
C
4 'polypeptide(L)'
;ASSKAASLHWTGERVVSVLLLGLLPAAYLNPCSAMDYSLAAALTLHGHWGIGQVVTDYVRGDALQKAAKAGLLALSAFTF
AGLCYFNYHDVGICKAVAMLWKL
;
D
#
# COMPACT_ATOMS: atom_id res chain seq x y z
N SER A 10 -7.63 -28.83 -21.16
CA SER A 10 -8.31 -27.66 -21.77
C SER A 10 -9.84 -27.78 -21.66
N THR A 11 -10.54 -26.76 -22.14
CA THR A 11 -12.01 -26.70 -22.11
C THR A 11 -12.56 -27.30 -20.80
N GLN A 12 -11.69 -27.32 -19.81
CA GLN A 12 -11.99 -27.78 -18.46
C GLN A 12 -11.99 -26.43 -17.74
N TYR A 13 -11.45 -25.46 -18.47
CA TYR A 13 -11.36 -24.08 -18.02
C TYR A 13 -12.21 -23.27 -18.99
N PRO A 14 -13.45 -22.98 -18.61
CA PRO A 14 -14.29 -22.20 -19.52
C PRO A 14 -13.64 -20.83 -19.70
N VAL A 15 -13.76 -20.25 -20.90
CA VAL A 15 -13.17 -18.95 -21.15
C VAL A 15 -14.23 -17.87 -21.32
N VAL A 16 -13.96 -16.70 -20.74
CA VAL A 16 -14.87 -15.58 -20.85
C VAL A 16 -14.24 -14.52 -21.76
N ASP A 17 -15.02 -14.06 -22.74
CA ASP A 17 -14.53 -13.06 -23.68
C ASP A 17 -15.02 -11.63 -23.49
N HIS A 18 -14.08 -10.74 -23.16
CA HIS A 18 -14.36 -9.33 -22.95
C HIS A 18 -13.92 -8.55 -24.19
N GLU A 19 -14.51 -7.39 -24.43
CA GLU A 19 -14.13 -6.59 -25.58
C GLU A 19 -13.99 -5.12 -25.22
N PHE A 20 -12.80 -4.55 -25.43
CA PHE A 20 -12.56 -3.15 -25.12
C PHE A 20 -11.84 -2.44 -26.24
N ASP A 21 -11.57 -1.16 -26.02
CA ASP A 21 -10.85 -0.36 -27.00
C ASP A 21 -9.37 -0.54 -26.75
N ALA A 22 -8.98 -0.46 -25.48
CA ALA A 22 -7.59 -0.61 -25.09
C ALA A 22 -7.47 -1.41 -23.80
N VAL A 23 -6.33 -2.09 -23.63
CA VAL A 23 -6.08 -2.88 -22.43
C VAL A 23 -4.74 -2.46 -21.88
N VAL A 24 -4.63 -2.36 -20.57
CA VAL A 24 -3.38 -2.01 -19.94
C VAL A 24 -3.04 -3.14 -18.99
N VAL A 25 -1.84 -3.67 -19.08
CA VAL A 25 -1.45 -4.73 -18.16
C VAL A 25 -0.50 -4.09 -17.17
N GLY A 26 -0.94 -3.99 -15.93
CA GLY A 26 -0.15 -3.39 -14.87
C GLY A 26 -0.72 -2.10 -14.32
N ALA A 27 -0.87 -2.01 -13.01
CA ALA A 27 -1.43 -0.82 -12.40
C ALA A 27 -0.44 -0.17 -11.43
N GLY A 28 0.78 -0.02 -11.91
CA GLY A 28 1.81 0.66 -11.14
C GLY A 28 1.71 2.09 -11.63
N GLY A 29 2.73 2.90 -11.43
CA GLY A 29 2.66 4.27 -11.92
C GLY A 29 2.36 4.30 -13.41
N ALA A 30 3.20 3.61 -14.19
CA ALA A 30 3.05 3.57 -15.63
C ALA A 30 1.67 3.10 -16.09
N GLY A 31 1.28 1.93 -15.62
CA GLY A 31 0.00 1.37 -16.01
C GLY A 31 -1.16 2.26 -15.63
N LEU A 32 -1.16 2.71 -14.39
CA LEU A 32 -2.23 3.57 -13.90
C LEU A 32 -2.33 4.82 -14.78
N ARG A 33 -1.20 5.48 -14.99
CA ARG A 33 -1.24 6.68 -15.83
C ARG A 33 -1.71 6.36 -17.24
N ALA A 34 -1.33 5.20 -17.75
CA ALA A 34 -1.74 4.82 -19.10
C ALA A 34 -3.24 4.57 -19.17
N ALA A 35 -3.73 3.83 -18.17
CA ALA A 35 -5.14 3.48 -18.07
C ALA A 35 -6.11 4.66 -17.92
N PHE A 36 -5.95 5.48 -16.88
CA PHE A 36 -6.89 6.60 -16.76
C PHE A 36 -6.71 7.66 -17.84
N GLY A 37 -5.50 7.72 -18.41
CA GLY A 37 -5.20 8.66 -19.48
C GLY A 37 -5.94 8.25 -20.73
N LEU A 38 -6.11 6.94 -20.91
CA LEU A 38 -6.83 6.41 -22.06
C LEU A 38 -8.33 6.65 -21.91
N SER A 39 -8.83 6.53 -20.67
CA SER A 39 -10.25 6.75 -20.40
C SER A 39 -10.54 8.25 -20.52
N GLU A 40 -9.70 9.06 -19.89
CA GLU A 40 -9.82 10.51 -19.94
C GLU A 40 -9.95 10.93 -21.40
N ALA A 41 -9.36 10.15 -22.28
CA ALA A 41 -9.41 10.44 -23.71
C ALA A 41 -10.69 9.92 -24.36
N GLY A 42 -11.49 9.18 -23.60
CA GLY A 42 -12.73 8.66 -24.12
C GLY A 42 -12.71 7.24 -24.67
N PHE A 43 -11.73 6.43 -24.29
CA PHE A 43 -11.65 5.05 -24.77
C PHE A 43 -12.15 4.10 -23.69
N ASN A 44 -12.82 3.03 -24.10
CA ASN A 44 -13.31 2.06 -23.14
C ASN A 44 -12.08 1.23 -22.86
N THR A 45 -11.48 1.49 -21.70
CA THR A 45 -10.24 0.85 -21.29
C THR A 45 -10.36 -0.20 -20.20
N ALA A 46 -9.58 -1.27 -20.33
CA ALA A 46 -9.58 -2.31 -19.31
C ALA A 46 -8.19 -2.26 -18.72
N CYS A 47 -8.03 -2.58 -17.44
CA CYS A 47 -6.71 -2.59 -16.82
C CYS A 47 -6.54 -3.87 -16.03
N VAL A 48 -5.65 -4.74 -16.49
CA VAL A 48 -5.40 -6.02 -15.83
C VAL A 48 -4.19 -5.95 -14.88
N THR A 49 -4.38 -6.37 -13.63
CA THR A 49 -3.33 -6.36 -12.61
C THR A 49 -3.46 -7.56 -11.71
N LYS A 50 -2.33 -8.20 -11.40
CA LYS A 50 -2.33 -9.38 -10.53
C LYS A 50 -2.32 -8.97 -9.06
N LEU A 51 -2.20 -7.67 -8.80
CA LEU A 51 -2.18 -7.14 -7.44
C LEU A 51 -3.16 -5.99 -7.34
N PHE A 52 -3.53 -5.61 -6.11
CA PHE A 52 -4.41 -4.46 -5.96
C PHE A 52 -3.49 -3.34 -6.43
N PRO A 53 -3.97 -2.47 -7.33
CA PRO A 53 -3.16 -1.37 -7.85
C PRO A 53 -2.19 -0.73 -6.87
N THR A 54 -2.66 -0.46 -5.67
CA THR A 54 -1.89 0.19 -4.62
C THR A 54 -0.76 -0.62 -3.99
N ARG A 55 -0.70 -1.92 -4.30
CA ARG A 55 0.32 -2.80 -3.77
C ARG A 55 1.49 -2.84 -4.72
N SER A 56 1.31 -2.21 -5.86
CA SER A 56 2.34 -2.19 -6.87
C SER A 56 3.65 -1.68 -6.29
N HIS A 57 4.72 -2.10 -6.92
CA HIS A 57 6.04 -1.78 -6.45
C HIS A 57 6.40 -0.30 -6.34
N THR A 58 5.85 0.54 -7.21
CA THR A 58 6.16 1.96 -7.15
C THR A 58 5.89 2.53 -5.75
N VAL A 59 5.06 1.86 -4.96
CA VAL A 59 4.76 2.34 -3.61
C VAL A 59 6.02 2.39 -2.74
N ALA A 60 6.96 1.51 -3.05
CA ALA A 60 8.20 1.45 -2.30
C ALA A 60 9.16 2.57 -2.63
N ALA A 61 8.90 3.25 -3.75
CA ALA A 61 9.77 4.35 -4.18
C ALA A 61 9.81 5.45 -3.13
N GLN A 62 11.01 5.90 -2.79
CA GLN A 62 11.18 6.91 -1.76
C GLN A 62 11.83 8.21 -2.23
N GLY A 63 12.87 8.09 -3.06
CA GLY A 63 13.58 9.23 -3.57
C GLY A 63 12.77 10.42 -4.03
N GLY A 64 12.27 10.34 -5.27
CA GLY A 64 11.48 11.43 -5.80
C GLY A 64 11.31 11.32 -7.31
N ILE A 65 10.85 12.40 -7.92
CA ILE A 65 10.62 12.41 -9.36
C ILE A 65 11.29 13.67 -9.91
N ASN A 66 12.18 13.53 -10.88
CA ASN A 66 12.91 14.66 -11.48
C ASN A 66 12.11 15.54 -12.41
N ALA A 67 12.37 16.86 -12.35
CA ALA A 67 11.70 17.85 -13.18
C ALA A 67 12.31 19.24 -12.99
N ALA A 68 12.85 19.81 -14.06
CA ALA A 68 13.47 21.12 -13.99
C ALA A 68 12.47 22.25 -13.75
N LEU A 69 11.73 22.18 -12.65
CA LEU A 69 10.77 23.22 -12.33
C LEU A 69 11.42 24.54 -11.96
N GLY A 70 12.65 24.48 -11.48
CA GLY A 70 13.36 25.68 -11.07
C GLY A 70 12.83 26.27 -9.78
N ASN A 71 12.33 25.43 -8.87
CA ASN A 71 11.80 25.90 -7.61
C ASN A 71 12.92 26.27 -6.63
N MET A 72 13.99 25.48 -6.63
CA MET A 72 15.11 25.74 -5.75
C MET A 72 16.04 26.81 -6.31
N GLU A 73 16.31 26.74 -7.61
CA GLU A 73 17.16 27.73 -8.28
C GLU A 73 16.71 27.81 -9.73
N GLU A 74 17.44 28.57 -10.55
CA GLU A 74 17.07 28.68 -11.97
C GLU A 74 17.42 27.32 -12.56
N ASP A 75 16.64 26.85 -13.51
CA ASP A 75 16.94 25.54 -14.11
C ASP A 75 16.57 25.51 -15.59
N ASN A 76 16.96 24.44 -16.25
CA ASN A 76 16.68 24.28 -17.67
C ASN A 76 16.55 22.79 -17.92
N TRP A 77 15.39 22.37 -18.44
CA TRP A 77 15.14 20.96 -18.69
C TRP A 77 16.22 20.37 -19.56
N ARG A 78 16.88 21.24 -20.33
CA ARG A 78 17.94 20.78 -21.21
C ARG A 78 19.15 20.31 -20.42
N TRP A 79 19.35 20.86 -19.22
CA TRP A 79 20.46 20.42 -18.40
C TRP A 79 20.10 19.03 -17.86
N HIS A 80 18.80 18.81 -17.70
CA HIS A 80 18.30 17.51 -17.22
C HIS A 80 18.54 16.50 -18.35
N PHE A 81 18.32 16.96 -19.58
CA PHE A 81 18.54 16.17 -20.79
C PHE A 81 20.00 15.74 -20.83
N TYR A 82 20.89 16.73 -20.76
CA TYR A 82 22.32 16.46 -20.79
C TYR A 82 22.68 15.44 -19.72
N ASP A 83 22.32 15.72 -18.47
CA ASP A 83 22.65 14.80 -17.38
C ASP A 83 22.21 13.38 -17.66
N THR A 84 21.01 13.23 -18.20
CA THR A 84 20.47 11.90 -18.48
C THR A 84 21.14 11.14 -19.61
N VAL A 85 21.44 11.81 -20.71
CA VAL A 85 22.10 11.15 -21.82
C VAL A 85 23.52 10.73 -21.40
N LYS A 86 24.18 11.59 -20.62
CA LYS A 86 25.53 11.29 -20.16
C LYS A 86 25.50 10.11 -19.19
N GLY A 87 24.53 10.12 -18.29
CA GLY A 87 24.41 9.06 -17.32
C GLY A 87 24.11 7.72 -17.97
N SER A 88 23.68 7.75 -19.23
CA SER A 88 23.35 6.53 -19.94
C SER A 88 24.57 5.91 -20.60
N ASP A 89 25.69 6.63 -20.52
CA ASP A 89 26.95 6.18 -21.12
C ASP A 89 26.76 6.04 -22.62
N TRP A 90 25.88 6.89 -23.13
CA TRP A 90 25.55 6.97 -24.54
C TRP A 90 24.94 5.74 -25.18
N LEU A 91 24.20 4.98 -24.38
CA LEU A 91 23.51 3.83 -24.91
C LEU A 91 22.03 4.25 -24.87
N GLY A 92 21.80 5.48 -24.41
CA GLY A 92 20.45 6.00 -24.31
C GLY A 92 20.02 6.70 -25.58
N ASP A 93 18.80 6.41 -26.04
CA ASP A 93 18.30 7.05 -27.24
C ASP A 93 17.93 8.47 -26.87
N GLN A 94 18.67 9.41 -27.45
CA GLN A 94 18.49 10.83 -27.18
C GLN A 94 17.15 11.46 -27.54
N ASP A 95 16.43 10.88 -28.50
CA ASP A 95 15.12 11.43 -28.87
C ASP A 95 14.14 11.21 -27.73
N ALA A 96 14.17 10.02 -27.14
CA ALA A 96 13.28 9.70 -26.02
C ALA A 96 13.66 10.51 -24.78
N ILE A 97 14.96 10.70 -24.56
CA ILE A 97 15.45 11.45 -23.41
C ILE A 97 15.04 12.92 -23.53
N HIS A 98 14.91 13.36 -24.78
CA HIS A 98 14.51 14.74 -25.08
C HIS A 98 13.04 14.87 -24.68
N TYR A 99 12.25 13.92 -25.17
CA TYR A 99 10.82 13.94 -24.89
C TYR A 99 10.56 13.88 -23.39
N MET A 100 11.23 12.96 -22.71
CA MET A 100 11.04 12.80 -21.28
C MET A 100 11.40 14.00 -20.42
N THR A 101 12.55 14.62 -20.68
CA THR A 101 12.95 15.76 -19.85
C THR A 101 12.19 17.01 -20.20
N GLU A 102 11.76 17.13 -21.45
CA GLU A 102 11.02 18.31 -21.79
C GLU A 102 9.60 18.24 -21.21
N GLN A 103 9.06 17.03 -21.10
CA GLN A 103 7.70 16.86 -20.58
C GLN A 103 7.65 16.78 -19.06
N ALA A 104 8.79 16.48 -18.42
CA ALA A 104 8.86 16.35 -16.98
C ALA A 104 8.15 17.44 -16.17
N PRO A 105 8.49 18.71 -16.43
CA PRO A 105 7.81 19.77 -15.66
C PRO A 105 6.30 19.67 -15.74
N ALA A 106 5.76 19.56 -16.94
CA ALA A 106 4.30 19.47 -17.08
C ALA A 106 3.77 18.20 -16.42
N SER A 107 4.53 17.12 -16.49
CA SER A 107 4.10 15.87 -15.88
C SER A 107 4.07 15.93 -14.36
N VAL A 108 5.06 16.61 -13.76
CA VAL A 108 5.10 16.73 -12.31
C VAL A 108 4.02 17.70 -11.82
N VAL A 109 3.81 18.80 -12.52
CA VAL A 109 2.77 19.74 -12.12
C VAL A 109 1.39 19.06 -12.22
N GLU A 110 1.27 18.14 -13.18
CA GLU A 110 0.03 17.39 -13.38
C GLU A 110 -0.23 16.52 -12.15
N LEU A 111 0.85 15.92 -11.64
CA LEU A 111 0.71 15.07 -10.46
C LEU A 111 0.28 15.91 -9.27
N GLU A 112 0.91 17.07 -9.09
CA GLU A 112 0.56 17.96 -7.98
C GLU A 112 -0.87 18.47 -8.14
N ASN A 113 -1.28 18.76 -9.37
CA ASN A 113 -2.64 19.22 -9.56
C ASN A 113 -3.64 18.09 -9.32
N TYR A 114 -3.18 16.84 -9.38
CA TYR A 114 -4.06 15.70 -9.11
C TYR A 114 -4.25 15.57 -7.60
N GLY A 115 -3.35 16.20 -6.83
CA GLY A 115 -3.44 16.12 -5.39
C GLY A 115 -2.23 15.52 -4.68
N MET A 116 -1.20 15.15 -5.42
CA MET A 116 -0.02 14.59 -4.78
C MET A 116 0.47 15.57 -3.71
N PRO A 117 0.57 15.11 -2.46
CA PRO A 117 1.00 15.93 -1.32
C PRO A 117 2.51 16.18 -1.25
N PHE A 118 3.04 16.87 -2.26
CA PHE A 118 4.46 17.17 -2.31
C PHE A 118 4.88 17.99 -1.09
N SER A 119 6.14 17.86 -0.70
CA SER A 119 6.71 18.63 0.40
C SER A 119 6.91 20.04 -0.19
N ARG A 120 6.64 21.07 0.60
CA ARG A 120 6.73 22.45 0.12
C ARG A 120 7.95 23.28 0.55
N THR A 121 8.15 24.38 -0.19
CA THR A 121 9.21 25.35 0.05
C THR A 121 8.56 26.54 0.73
N GLU A 122 9.34 27.54 1.10
CA GLU A 122 8.75 28.71 1.76
C GLU A 122 7.86 29.51 0.81
N ASP A 123 8.07 29.35 -0.49
CA ASP A 123 7.25 30.05 -1.48
C ASP A 123 5.95 29.29 -1.73
N GLY A 124 5.83 28.11 -1.14
CA GLY A 124 4.64 27.31 -1.32
C GLY A 124 4.68 26.47 -2.58
N LYS A 125 5.89 26.23 -3.08
CA LYS A 125 6.08 25.46 -4.30
C LYS A 125 6.63 24.08 -3.98
N ILE A 126 6.56 23.17 -4.95
CA ILE A 126 7.07 21.83 -4.76
C ILE A 126 8.54 21.89 -4.33
N TYR A 127 8.90 21.20 -3.26
CA TYR A 127 10.27 21.18 -2.79
C TYR A 127 11.01 20.12 -3.59
N GLN A 128 12.21 20.46 -4.04
CA GLN A 128 13.01 19.52 -4.83
C GLN A 128 14.33 19.36 -4.09
N ARG A 129 15.08 18.31 -4.40
CA ARG A 129 16.36 18.14 -3.74
C ARG A 129 17.47 17.52 -4.60
N ALA A 130 18.69 17.58 -4.10
CA ALA A 130 19.83 17.05 -4.83
C ALA A 130 19.76 15.54 -4.97
N PHE A 131 20.39 15.02 -6.02
CA PHE A 131 20.40 13.59 -6.27
C PHE A 131 21.52 13.17 -7.22
N GLY A 132 21.85 11.88 -7.18
CA GLY A 132 22.90 11.32 -8.01
C GLY A 132 23.21 11.93 -9.36
N GLY A 133 24.42 12.48 -9.48
CA GLY A 133 24.87 13.08 -10.72
C GLY A 133 23.90 13.93 -11.53
N GLN A 134 23.55 15.10 -11.01
CA GLN A 134 22.65 16.03 -11.71
C GLN A 134 23.22 17.42 -11.51
N SER A 135 23.63 18.05 -12.60
CA SER A 135 24.24 19.36 -12.51
C SER A 135 23.50 20.49 -13.18
N LEU A 136 24.15 21.64 -13.22
CA LEU A 136 23.62 22.82 -13.85
C LEU A 136 24.49 23.14 -15.06
N LYS A 137 24.04 24.07 -15.89
CA LYS A 137 24.75 24.50 -17.08
C LYS A 137 25.60 23.44 -17.77
N PHE A 138 24.95 22.31 -18.08
CA PHE A 138 25.56 21.19 -18.77
C PHE A 138 26.79 20.58 -18.11
N GLY A 139 26.67 20.26 -16.82
CA GLY A 139 27.77 19.66 -16.11
C GLY A 139 28.81 20.66 -15.65
N LYS A 140 28.54 21.95 -15.87
CA LYS A 140 29.47 23.00 -15.48
C LYS A 140 28.99 23.84 -14.30
N GLY A 141 27.70 24.15 -14.26
CA GLY A 141 27.14 24.99 -13.21
C GLY A 141 27.00 24.48 -11.78
N GLY A 142 27.43 23.25 -11.50
CA GLY A 142 27.32 22.75 -10.14
C GLY A 142 26.14 21.83 -9.87
N GLN A 143 26.08 21.29 -8.66
CA GLN A 143 25.01 20.38 -8.22
C GLN A 143 23.62 20.97 -8.39
N ALA A 144 22.74 20.21 -9.06
CA ALA A 144 21.37 20.65 -9.30
C ALA A 144 20.38 20.13 -8.26
N HIS A 145 19.26 20.83 -8.12
CA HIS A 145 18.23 20.46 -7.16
C HIS A 145 16.87 20.45 -7.85
N ARG A 146 16.55 19.33 -8.51
CA ARG A 146 15.29 19.19 -9.22
C ARG A 146 14.54 17.89 -8.92
N CYS A 147 14.97 17.20 -7.86
CA CYS A 147 14.34 15.95 -7.44
C CYS A 147 13.12 16.28 -6.55
N CYS A 148 11.94 16.37 -7.17
CA CYS A 148 10.70 16.69 -6.47
C CYS A 148 10.32 15.53 -5.58
N CYS A 149 9.74 15.81 -4.42
CA CYS A 149 9.42 14.71 -3.55
C CYS A 149 8.40 14.95 -2.45
N VAL A 150 7.78 13.85 -2.05
CA VAL A 150 6.81 13.83 -0.98
C VAL A 150 7.57 13.22 0.20
N ALA A 151 8.21 14.09 0.98
CA ALA A 151 8.99 13.64 2.12
C ALA A 151 9.90 12.54 1.61
N ASP A 152 9.71 11.35 2.16
CA ASP A 152 10.53 10.20 1.82
C ASP A 152 9.66 9.06 1.28
N ARG A 153 8.40 9.36 1.01
CA ARG A 153 7.44 8.37 0.51
C ARG A 153 6.77 8.82 -0.79
N THR A 154 7.57 9.37 -1.71
CA THR A 154 7.07 9.85 -2.98
C THR A 154 6.42 8.79 -3.87
N GLY A 155 6.99 7.58 -3.92
CA GLY A 155 6.43 6.53 -4.74
C GLY A 155 5.04 6.17 -4.24
N HIS A 156 4.96 5.92 -2.93
CA HIS A 156 3.71 5.59 -2.26
C HIS A 156 2.64 6.62 -2.56
N SER A 157 3.01 7.88 -2.45
CA SER A 157 2.08 8.97 -2.70
C SER A 157 1.73 9.12 -4.18
N LEU A 158 2.70 8.86 -5.06
CA LEU A 158 2.47 8.94 -6.48
C LEU A 158 1.44 7.89 -6.88
N LEU A 159 1.66 6.65 -6.44
CA LEU A 159 0.75 5.56 -6.77
C LEU A 159 -0.65 5.81 -6.22
N HIS A 160 -0.73 6.19 -4.96
CA HIS A 160 -2.03 6.46 -4.38
C HIS A 160 -2.80 7.61 -5.03
N THR A 161 -2.11 8.69 -5.41
CA THR A 161 -2.88 9.76 -5.99
C THR A 161 -3.33 9.37 -7.39
N LEU A 162 -2.48 8.68 -8.13
CA LEU A 162 -2.85 8.23 -9.47
C LEU A 162 -4.01 7.26 -9.36
N TYR A 163 -3.93 6.33 -8.41
CA TYR A 163 -5.02 5.40 -8.25
C TYR A 163 -6.30 6.15 -7.93
N GLY A 164 -6.23 7.05 -6.95
CA GLY A 164 -7.40 7.81 -6.57
C GLY A 164 -7.97 8.52 -7.78
N ARG A 165 -7.11 9.19 -8.54
CA ARG A 165 -7.55 9.91 -9.72
C ARG A 165 -8.25 8.97 -10.71
N SER A 166 -7.80 7.72 -10.77
CA SER A 166 -8.40 6.79 -11.70
C SER A 166 -9.85 6.44 -11.34
N LEU A 167 -10.19 6.48 -10.06
CA LEU A 167 -11.54 6.15 -9.60
C LEU A 167 -12.58 7.07 -10.23
N ARG A 168 -12.10 8.22 -10.68
CA ARG A 168 -12.92 9.25 -11.31
C ARG A 168 -13.43 8.86 -12.71
N TYR A 169 -12.87 7.79 -13.30
CA TYR A 169 -13.27 7.36 -14.65
C TYR A 169 -13.89 5.97 -14.76
N ASP A 170 -14.38 5.66 -15.96
CA ASP A 170 -15.05 4.40 -16.27
C ASP A 170 -14.17 3.22 -16.66
N THR A 171 -12.90 3.26 -16.28
CA THR A 171 -12.00 2.18 -16.60
C THR A 171 -12.43 0.93 -15.82
N SER A 172 -12.48 -0.22 -16.49
CA SER A 172 -12.85 -1.48 -15.85
C SER A 172 -11.56 -2.12 -15.34
N TYR A 173 -11.35 -2.16 -14.03
CA TYR A 173 -10.13 -2.75 -13.49
C TYR A 173 -10.21 -4.22 -13.07
N PHE A 174 -9.60 -5.11 -13.85
CA PHE A 174 -9.57 -6.53 -13.54
C PHE A 174 -8.53 -6.77 -12.43
N VAL A 175 -8.98 -6.70 -11.19
CA VAL A 175 -8.10 -6.85 -10.03
C VAL A 175 -7.74 -8.29 -9.68
N GLU A 176 -6.44 -8.50 -9.45
CA GLU A 176 -5.86 -9.80 -9.12
C GLU A 176 -6.03 -10.80 -10.26
N TYR A 177 -5.75 -10.34 -11.47
CA TYR A 177 -5.82 -11.16 -12.69
C TYR A 177 -4.39 -11.35 -13.18
N PHE A 178 -4.04 -12.59 -13.54
CA PHE A 178 -2.69 -12.87 -14.02
C PHE A 178 -2.67 -12.97 -15.54
N ALA A 179 -1.96 -12.05 -16.18
CA ALA A 179 -1.85 -12.03 -17.63
C ALA A 179 -0.92 -13.17 -18.04
N LEU A 180 -1.44 -14.06 -18.87
CA LEU A 180 -0.68 -15.23 -19.33
C LEU A 180 0.12 -14.97 -20.59
N ASP A 181 -0.53 -14.40 -21.60
CA ASP A 181 0.15 -14.13 -22.86
C ASP A 181 -0.61 -13.06 -23.66
N LEU A 182 0.07 -12.52 -24.64
CA LEU A 182 -0.51 -11.52 -25.52
C LEU A 182 -1.33 -12.29 -26.55
N LEU A 183 -2.41 -11.69 -27.05
CA LEU A 183 -3.19 -12.36 -28.07
C LEU A 183 -2.64 -11.77 -29.37
N MET A 184 -1.74 -12.53 -29.98
CA MET A 184 -1.09 -12.09 -31.20
C MET A 184 -1.72 -12.77 -32.41
N GLU A 185 -1.78 -12.06 -33.52
CA GLU A 185 -2.32 -12.60 -34.75
C GLU A 185 -1.67 -11.91 -35.95
N ASN A 186 -0.83 -12.66 -36.67
CA ASN A 186 -0.13 -12.14 -37.83
C ASN A 186 0.68 -10.89 -37.52
N GLY A 187 1.44 -10.95 -36.42
CA GLY A 187 2.28 -9.84 -36.02
C GLY A 187 1.54 -8.61 -35.50
N GLU A 188 0.27 -8.78 -35.15
CA GLU A 188 -0.52 -7.68 -34.61
C GLU A 188 -1.14 -8.09 -33.28
N CYS A 189 -1.10 -7.20 -32.31
CA CYS A 189 -1.67 -7.51 -31.00
C CYS A 189 -3.18 -7.29 -30.96
N ARG A 190 -3.88 -8.28 -30.40
CA ARG A 190 -5.34 -8.24 -30.30
C ARG A 190 -5.81 -8.20 -28.85
N GLY A 191 -4.87 -8.16 -27.91
CA GLY A 191 -5.25 -8.11 -26.50
C GLY A 191 -4.45 -9.08 -25.67
N VAL A 192 -4.99 -9.47 -24.52
CA VAL A 192 -4.31 -10.40 -23.63
C VAL A 192 -5.25 -11.49 -23.13
N ILE A 193 -4.66 -12.60 -22.69
CA ILE A 193 -5.43 -13.69 -22.12
C ILE A 193 -4.95 -13.81 -20.66
N ALA A 194 -5.88 -13.87 -19.72
CA ALA A 194 -5.51 -13.93 -18.31
C ALA A 194 -6.24 -14.92 -17.44
N LEU A 195 -5.64 -15.19 -16.28
CA LEU A 195 -6.21 -16.11 -15.30
C LEU A 195 -6.76 -15.32 -14.10
N CYS A 196 -8.07 -15.37 -13.89
CA CYS A 196 -8.68 -14.68 -12.76
C CYS A 196 -8.36 -15.46 -11.48
N ILE A 197 -7.36 -14.99 -10.72
CA ILE A 197 -6.94 -15.66 -9.50
C ILE A 197 -8.06 -16.01 -8.52
N GLU A 198 -9.15 -15.24 -8.54
CA GLU A 198 -10.24 -15.51 -7.61
C GLU A 198 -10.93 -16.86 -7.84
N ASP A 199 -11.32 -17.14 -9.08
CA ASP A 199 -12.01 -18.40 -9.36
C ASP A 199 -11.29 -19.34 -10.32
N GLY A 200 -10.07 -19.00 -10.70
CA GLY A 200 -9.30 -19.84 -11.62
C GLY A 200 -9.76 -19.85 -13.07
N SER A 201 -10.76 -19.04 -13.39
CA SER A 201 -11.29 -18.97 -14.76
C SER A 201 -10.35 -18.20 -15.71
N ILE A 202 -10.55 -18.40 -17.00
CA ILE A 202 -9.71 -17.77 -18.02
C ILE A 202 -10.44 -16.71 -18.85
N HIS A 203 -9.82 -15.54 -18.98
CA HIS A 203 -10.42 -14.46 -19.71
C HIS A 203 -9.59 -13.95 -20.89
N ARG A 204 -10.24 -13.78 -22.02
CA ARG A 204 -9.58 -13.25 -23.20
C ARG A 204 -10.13 -11.87 -23.41
N ILE A 205 -9.37 -10.89 -22.96
CA ILE A 205 -9.73 -9.48 -23.08
C ILE A 205 -9.12 -9.01 -24.38
N ARG A 206 -9.93 -8.78 -25.41
CA ARG A 206 -9.36 -8.31 -26.66
C ARG A 206 -9.61 -6.82 -26.87
N ALA A 207 -8.64 -6.15 -27.50
CA ALA A 207 -8.75 -4.72 -27.76
C ALA A 207 -8.00 -4.32 -29.02
N ARG A 208 -8.10 -3.05 -29.37
CA ARG A 208 -7.44 -2.53 -30.56
C ARG A 208 -5.99 -2.20 -30.21
N ASN A 209 -5.77 -1.89 -28.93
CA ASN A 209 -4.45 -1.53 -28.46
C ASN A 209 -4.19 -2.13 -27.11
N THR A 210 -2.94 -2.52 -26.88
CA THR A 210 -2.53 -3.13 -25.63
C THR A 210 -1.31 -2.41 -25.12
N VAL A 211 -1.28 -2.15 -23.83
CA VAL A 211 -0.16 -1.48 -23.21
C VAL A 211 0.40 -2.37 -22.10
N VAL A 212 1.69 -2.69 -22.20
CA VAL A 212 2.35 -3.54 -21.23
C VAL A 212 3.18 -2.70 -20.28
N ALA A 213 2.83 -2.75 -19.00
CA ALA A 213 3.54 -1.98 -17.98
C ALA A 213 3.57 -2.88 -16.78
N THR A 214 4.28 -3.99 -16.94
CA THR A 214 4.36 -5.00 -15.90
C THR A 214 5.53 -4.91 -14.94
N GLY A 215 6.33 -3.84 -15.02
CA GLY A 215 7.45 -3.71 -14.10
C GLY A 215 8.70 -4.50 -14.49
N GLY A 216 9.66 -4.56 -13.56
CA GLY A 216 10.91 -5.26 -13.82
C GLY A 216 10.97 -6.73 -13.42
N TYR A 217 12.17 -7.28 -13.30
CA TYR A 217 12.35 -8.70 -12.95
C TYR A 217 13.53 -8.92 -12.02
N GLY A 218 13.66 -8.06 -11.01
CA GLY A 218 14.77 -8.20 -10.08
C GLY A 218 14.80 -9.55 -9.39
N ARG A 219 13.63 -10.17 -9.22
CA ARG A 219 13.54 -11.47 -8.56
C ARG A 219 14.28 -12.60 -9.29
N THR A 220 14.93 -12.28 -10.41
CA THR A 220 15.69 -13.29 -11.13
C THR A 220 16.94 -13.55 -10.29
N TYR A 221 17.23 -12.61 -9.39
CA TYR A 221 18.38 -12.68 -8.50
C TYR A 221 18.01 -13.15 -7.10
N PHE A 222 19.03 -13.30 -6.27
CA PHE A 222 18.86 -13.77 -4.90
C PHE A 222 18.64 -12.62 -3.93
N SER A 223 19.37 -11.53 -4.13
CA SER A 223 19.28 -10.36 -3.27
C SER A 223 18.90 -9.13 -4.10
N CYS A 224 17.70 -8.61 -3.86
CA CYS A 224 17.23 -7.43 -4.59
C CYS A 224 16.32 -6.55 -3.73
N THR A 225 16.24 -5.28 -4.09
CA THR A 225 15.41 -4.33 -3.37
C THR A 225 13.94 -4.45 -3.77
N SER A 226 13.67 -5.18 -4.85
CA SER A 226 12.30 -5.31 -5.33
C SER A 226 11.41 -6.32 -4.62
N ALA A 227 10.11 -6.09 -4.78
CA ALA A 227 9.08 -6.93 -4.17
C ALA A 227 9.06 -8.33 -4.76
N HIS A 228 8.42 -9.26 -4.04
CA HIS A 228 8.31 -10.65 -4.47
C HIS A 228 7.54 -10.76 -5.78
N THR A 229 6.83 -9.70 -6.13
CA THR A 229 6.01 -9.68 -7.34
C THR A 229 6.70 -9.19 -8.63
N SER A 230 7.93 -8.68 -8.52
CA SER A 230 8.70 -8.21 -9.69
C SER A 230 9.29 -9.42 -10.43
N THR A 231 8.44 -10.11 -11.18
CA THR A 231 8.85 -11.31 -11.88
C THR A 231 8.95 -11.27 -13.42
N GLY A 232 9.02 -10.05 -14.00
CA GLY A 232 9.15 -9.87 -15.43
C GLY A 232 8.09 -10.54 -16.30
N ASP A 233 6.89 -10.70 -15.75
CA ASP A 233 5.83 -11.35 -16.50
C ASP A 233 5.55 -10.72 -17.87
N GLY A 234 5.74 -9.40 -17.99
CA GLY A 234 5.49 -8.72 -19.25
C GLY A 234 6.56 -9.00 -20.29
N THR A 235 7.80 -9.00 -19.83
CA THR A 235 8.94 -9.27 -20.70
C THR A 235 8.69 -10.66 -21.32
N ALA A 236 8.40 -11.63 -20.44
CA ALA A 236 8.15 -13.02 -20.85
C ALA A 236 7.09 -13.13 -21.94
N MET A 237 6.01 -12.37 -21.82
CA MET A 237 4.97 -12.42 -22.83
C MET A 237 5.54 -12.00 -24.18
N VAL A 238 6.20 -10.84 -24.21
CA VAL A 238 6.81 -10.35 -25.43
C VAL A 238 7.74 -11.44 -25.98
N THR A 239 8.52 -12.05 -25.09
CA THR A 239 9.42 -13.09 -25.52
C THR A 239 8.68 -14.28 -26.10
N ARG A 240 7.58 -14.69 -25.46
CA ARG A 240 6.84 -15.82 -25.96
C ARG A 240 6.21 -15.55 -27.33
N ALA A 241 6.01 -14.27 -27.64
CA ALA A 241 5.42 -13.90 -28.93
C ALA A 241 6.46 -13.93 -30.03
N GLY A 242 7.70 -14.09 -29.63
CA GLY A 242 8.78 -14.10 -30.59
C GLY A 242 9.32 -12.71 -30.81
N LEU A 243 8.96 -11.76 -29.94
CA LEU A 243 9.44 -10.40 -30.09
C LEU A 243 10.76 -10.19 -29.34
N PRO A 244 11.52 -9.17 -29.73
CA PRO A 244 12.79 -8.97 -29.03
C PRO A 244 12.69 -8.20 -27.72
N CYS A 245 13.66 -8.41 -26.87
CA CYS A 245 13.77 -7.69 -25.62
C CYS A 245 15.08 -6.96 -25.79
N GLN A 246 15.20 -5.78 -25.19
CA GLN A 246 16.40 -5.00 -25.35
C GLN A 246 17.20 -4.81 -24.07
N ASP A 247 18.52 -4.77 -24.23
CA ASP A 247 19.48 -4.57 -23.16
C ASP A 247 19.23 -5.23 -21.80
N LEU A 248 18.71 -6.44 -21.78
CA LEU A 248 18.45 -7.12 -20.52
C LEU A 248 19.67 -7.32 -19.63
N GLU A 249 20.87 -7.20 -20.18
CA GLU A 249 22.08 -7.38 -19.38
C GLU A 249 22.31 -6.23 -18.41
N PHE A 250 22.07 -5.00 -18.86
CA PHE A 250 22.27 -3.86 -17.99
C PHE A 250 21.30 -3.87 -16.81
N VAL A 251 21.78 -4.44 -15.72
CA VAL A 251 21.05 -4.57 -14.46
C VAL A 251 21.68 -3.59 -13.49
N GLN A 252 20.87 -2.70 -12.93
CA GLN A 252 21.38 -1.72 -12.01
C GLN A 252 21.51 -2.20 -10.58
N PHE A 253 22.72 -2.08 -10.03
CA PHE A 253 22.95 -2.47 -8.66
C PHE A 253 22.92 -1.21 -7.80
N HIS A 254 22.00 -1.19 -6.85
CA HIS A 254 21.87 -0.06 -5.96
C HIS A 254 22.87 -0.19 -4.80
N PRO A 255 23.59 0.89 -4.49
CA PRO A 255 24.60 0.91 -3.43
C PRO A 255 24.06 0.49 -2.06
N THR A 256 23.09 1.25 -1.58
CA THR A 256 22.50 1.04 -0.27
C THR A 256 21.32 0.04 -0.17
N GLY A 257 21.63 -1.18 0.28
CA GLY A 257 20.61 -2.20 0.44
C GLY A 257 20.97 -3.06 1.65
N ILE A 258 20.16 -2.99 2.71
CA ILE A 258 20.43 -3.73 3.93
C ILE A 258 20.96 -5.13 3.68
N TYR A 259 22.06 -5.44 4.35
CA TYR A 259 22.69 -6.74 4.22
C TYR A 259 21.66 -7.87 4.32
N GLY A 260 20.64 -7.64 5.14
CA GLY A 260 19.61 -8.64 5.36
C GLY A 260 18.70 -9.06 4.21
N ALA A 261 17.45 -8.61 4.28
CA ALA A 261 16.42 -8.92 3.28
C ALA A 261 16.61 -8.20 1.95
N GLY A 262 17.54 -7.25 1.92
CA GLY A 262 17.81 -6.52 0.70
C GLY A 262 16.97 -5.28 0.52
N CYS A 263 16.23 -4.91 1.57
CA CYS A 263 15.37 -3.73 1.51
C CYS A 263 16.19 -2.48 1.20
N LEU A 264 15.55 -1.51 0.56
CA LEU A 264 16.22 -0.27 0.18
C LEU A 264 16.10 0.92 1.13
N ILE A 265 17.15 1.73 1.09
CA ILE A 265 17.29 2.96 1.85
C ILE A 265 17.57 4.01 0.78
N THR A 266 16.53 4.75 0.41
CA THR A 266 16.63 5.78 -0.62
C THR A 266 18.00 6.40 -0.80
N GLU A 267 18.35 6.74 -2.04
CA GLU A 267 19.62 7.40 -2.34
C GLU A 267 19.47 8.84 -1.88
N GLY A 268 18.22 9.21 -1.58
CA GLY A 268 17.92 10.56 -1.11
C GLY A 268 18.64 10.86 0.19
N CYS A 269 19.07 9.80 0.87
CA CYS A 269 19.80 9.93 2.14
C CYS A 269 21.11 10.63 1.82
N ARG A 270 21.79 10.15 0.77
CA ARG A 270 23.05 10.73 0.33
C ARG A 270 22.85 12.15 -0.20
N GLY A 271 21.79 12.34 -0.97
CA GLY A 271 21.52 13.66 -1.51
C GLY A 271 21.20 14.65 -0.41
N GLU A 272 20.59 14.18 0.67
CA GLU A 272 20.23 15.02 1.81
C GLU A 272 21.41 15.33 2.72
N GLY A 273 22.49 14.58 2.59
CA GLY A 273 23.66 14.82 3.42
C GLY A 273 24.43 13.60 3.89
N GLY A 274 23.73 12.50 4.13
CA GLY A 274 24.39 11.27 4.57
C GLY A 274 25.60 10.90 3.73
N ILE A 275 26.45 10.01 4.26
CA ILE A 275 27.64 9.58 3.55
C ILE A 275 27.81 8.06 3.60
N LEU A 276 28.83 7.56 2.92
CA LEU A 276 29.14 6.14 2.91
C LEU A 276 30.53 5.96 3.54
N ILE A 277 30.66 4.99 4.45
CA ILE A 277 31.94 4.75 5.12
C ILE A 277 32.39 3.29 5.15
N ASN A 278 33.65 3.06 4.79
CA ASN A 278 34.23 1.71 4.80
C ASN A 278 34.70 1.36 6.20
N SER A 279 35.21 0.14 6.39
CA SER A 279 35.69 -0.30 7.70
C SER A 279 36.78 0.61 8.27
N GLN A 280 37.76 0.94 7.44
CA GLN A 280 38.85 1.81 7.87
C GLN A 280 38.32 3.21 8.22
N GLY A 281 37.08 3.49 7.82
CA GLY A 281 36.47 4.77 8.10
C GLY A 281 36.59 5.81 7.00
N GLU A 282 37.23 5.44 5.90
CA GLU A 282 37.42 6.36 4.77
C GLU A 282 36.15 6.63 3.99
N ARG A 283 35.99 7.88 3.54
CA ARG A 283 34.85 8.24 2.72
C ARG A 283 35.26 7.92 1.30
N PHE A 284 35.61 6.65 1.07
CA PHE A 284 36.05 6.16 -0.23
C PHE A 284 35.35 6.84 -1.39
N MET A 285 34.04 7.06 -1.26
CA MET A 285 33.32 7.75 -2.33
C MET A 285 33.79 9.20 -2.24
N GLU A 286 35.00 9.40 -2.74
CA GLU A 286 35.69 10.69 -2.74
C GLU A 286 37.09 10.37 -3.30
N ARG A 287 37.42 9.08 -3.25
CA ARG A 287 38.68 8.57 -3.76
C ARG A 287 38.41 8.08 -5.17
N TYR A 288 37.33 7.32 -5.33
CA TYR A 288 36.92 6.78 -6.63
C TYR A 288 36.28 7.85 -7.54
N ALA A 289 35.80 8.92 -6.93
CA ALA A 289 35.16 10.00 -7.70
C ALA A 289 35.16 11.30 -6.89
N PRO A 290 36.23 12.10 -7.01
CA PRO A 290 36.40 13.38 -6.31
C PRO A 290 35.24 14.37 -6.32
N VAL A 291 34.89 14.89 -7.50
CA VAL A 291 33.82 15.87 -7.60
C VAL A 291 32.42 15.41 -7.13
N ALA A 292 31.87 14.40 -7.81
CA ALA A 292 30.54 13.90 -7.48
C ALA A 292 30.50 13.16 -6.14
N LYS A 293 31.59 12.49 -5.79
CA LYS A 293 31.70 11.75 -4.53
C LYS A 293 30.54 10.80 -4.26
N ASP A 294 30.14 10.77 -2.99
CA ASP A 294 29.05 9.95 -2.48
C ASP A 294 27.79 10.08 -3.35
N LEU A 295 27.70 11.17 -4.13
CA LEU A 295 26.53 11.41 -4.97
C LEU A 295 26.84 11.35 -6.47
N ALA A 296 27.25 10.17 -6.94
CA ALA A 296 27.55 9.95 -8.35
C ALA A 296 26.63 8.86 -8.91
N SER A 297 26.81 8.53 -10.18
CA SER A 297 26.00 7.51 -10.82
C SER A 297 25.87 6.23 -10.00
N ARG A 298 24.70 5.60 -10.06
CA ARG A 298 24.47 4.37 -9.31
C ARG A 298 25.45 3.26 -9.72
N ASP A 299 25.72 3.16 -11.02
CA ASP A 299 26.62 2.13 -11.54
C ASP A 299 28.06 2.25 -11.04
N VAL A 300 28.54 3.48 -10.91
CA VAL A 300 29.89 3.73 -10.44
C VAL A 300 29.99 3.58 -8.91
N VAL A 301 29.11 4.29 -8.20
CA VAL A 301 29.10 4.28 -6.74
C VAL A 301 29.04 2.90 -6.09
N SER A 302 28.35 1.95 -6.74
CA SER A 302 28.25 0.60 -6.20
C SER A 302 29.46 -0.22 -6.60
N ARG A 303 29.93 0.03 -7.82
CA ARG A 303 31.11 -0.65 -8.37
C ARG A 303 32.26 -0.34 -7.39
N SER A 304 32.17 0.82 -6.75
CA SER A 304 33.17 1.24 -5.79
C SER A 304 33.11 0.33 -4.57
N MET A 305 32.04 0.46 -3.80
CA MET A 305 31.83 -0.33 -2.58
C MET A 305 32.10 -1.79 -2.81
N THR A 306 31.40 -2.35 -3.80
CA THR A 306 31.54 -3.76 -4.13
C THR A 306 33.03 -4.14 -4.18
N LEU A 307 33.84 -3.19 -4.64
CA LEU A 307 35.27 -3.37 -4.76
C LEU A 307 35.92 -3.38 -3.38
N GLU A 308 35.68 -2.32 -2.60
CA GLU A 308 36.22 -2.17 -1.25
C GLU A 308 36.02 -3.40 -0.37
N ILE A 309 34.97 -4.16 -0.65
CA ILE A 309 34.67 -5.37 0.10
C ILE A 309 35.73 -6.42 -0.25
N ARG A 310 36.16 -6.38 -1.51
CA ARG A 310 37.18 -7.31 -2.02
C ARG A 310 38.53 -7.07 -1.36
N GLU A 311 38.96 -5.81 -1.34
CA GLU A 311 40.23 -5.44 -0.74
C GLU A 311 40.27 -5.94 0.71
N GLY A 312 39.07 -6.14 1.28
CA GLY A 312 38.96 -6.62 2.65
C GLY A 312 38.73 -5.45 3.58
N ARG A 313 37.57 -4.82 3.45
CA ARG A 313 37.25 -3.64 4.26
C ARG A 313 35.77 -3.59 4.64
N GLY A 314 35.22 -4.76 4.98
CA GLY A 314 33.82 -4.86 5.36
C GLY A 314 33.57 -4.19 6.70
N CYS A 315 32.30 -3.98 7.05
CA CYS A 315 31.97 -3.32 8.31
C CYS A 315 31.14 -4.13 9.31
N GLY A 316 31.15 -5.45 9.16
CA GLY A 316 30.39 -6.31 10.07
C GLY A 316 31.01 -7.69 10.10
N PRO A 317 30.51 -8.58 10.98
CA PRO A 317 31.04 -9.95 11.09
C PRO A 317 31.89 -10.47 9.93
N GLU A 318 31.28 -10.80 8.81
CA GLU A 318 32.04 -11.34 7.68
C GLU A 318 32.66 -10.29 6.74
N LYS A 319 32.62 -9.03 7.15
CA LYS A 319 33.17 -7.94 6.35
C LYS A 319 32.70 -8.13 4.91
N ASP A 320 31.39 -8.30 4.74
CA ASP A 320 30.75 -8.50 3.45
C ASP A 320 30.01 -7.26 2.98
N HIS A 321 29.75 -6.33 3.89
CA HIS A 321 29.05 -5.11 3.52
C HIS A 321 29.78 -3.83 3.88
N VAL A 322 29.05 -2.72 3.88
CA VAL A 322 29.60 -1.41 4.20
C VAL A 322 28.73 -0.72 5.26
N TYR A 323 28.84 0.60 5.40
CA TYR A 323 28.07 1.35 6.39
C TYR A 323 27.64 2.72 5.86
N LEU A 324 26.33 2.93 5.78
CA LEU A 324 25.75 4.19 5.29
C LEU A 324 25.59 5.10 6.51
N GLN A 325 26.07 6.34 6.42
CA GLN A 325 25.96 7.26 7.55
C GLN A 325 24.99 8.42 7.32
N LEU A 326 24.28 8.80 8.38
CA LEU A 326 23.32 9.89 8.32
C LEU A 326 23.44 10.66 9.62
N HIS A 327 24.04 10.02 10.62
CA HIS A 327 24.24 10.56 11.97
C HIS A 327 24.49 12.07 12.10
N HIS A 328 25.48 12.60 11.38
CA HIS A 328 25.82 14.02 11.46
C HIS A 328 24.76 14.99 10.98
N LEU A 329 23.64 14.47 10.50
CA LEU A 329 22.53 15.31 10.03
C LEU A 329 21.58 15.62 11.18
N PRO A 330 21.04 16.84 11.21
CA PRO A 330 20.10 17.28 12.26
C PRO A 330 18.93 16.28 12.39
N PRO A 331 18.73 15.71 13.60
CA PRO A 331 17.66 14.74 13.86
C PRO A 331 16.30 15.10 13.25
N GLU A 332 16.02 16.40 13.18
CA GLU A 332 14.78 16.91 12.61
C GLU A 332 14.73 16.70 11.10
N GLN A 333 15.86 16.97 10.44
CA GLN A 333 15.99 16.82 9.00
C GLN A 333 15.76 15.38 8.54
N LEU A 334 16.20 14.42 9.36
CA LEU A 334 16.03 13.01 9.04
C LEU A 334 14.56 12.66 9.30
N ALA A 335 13.86 13.58 9.98
CA ALA A 335 12.46 13.41 10.32
C ALA A 335 11.54 14.02 9.27
N VAL A 336 12.02 15.08 8.61
CA VAL A 336 11.24 15.76 7.58
C VAL A 336 11.65 15.32 6.18
N ARG A 337 12.84 14.75 6.04
CA ARG A 337 13.33 14.35 4.72
C ARG A 337 13.53 12.85 4.50
N LEU A 338 13.76 12.10 5.58
CA LEU A 338 14.00 10.66 5.47
C LEU A 338 13.28 9.86 6.56
N PRO A 339 12.02 10.22 6.87
CA PRO A 339 11.28 9.50 7.91
C PRO A 339 11.00 8.04 7.56
N GLY A 340 10.84 7.75 6.27
CA GLY A 340 10.57 6.41 5.81
C GLY A 340 11.69 5.41 6.00
N ILE A 341 12.94 5.87 5.85
CA ILE A 341 14.11 5.01 6.03
C ILE A 341 14.42 4.77 7.51
N SER A 342 14.08 5.75 8.35
CA SER A 342 14.31 5.64 9.78
C SER A 342 13.56 4.41 10.30
N GLU A 343 12.32 4.27 9.85
CA GLU A 343 11.45 3.15 10.24
C GLU A 343 12.00 1.78 9.89
N THR A 344 12.15 1.53 8.59
CA THR A 344 12.65 0.24 8.12
C THR A 344 14.10 0.01 8.56
N ALA A 345 14.88 1.09 8.65
CA ALA A 345 16.27 0.96 9.09
C ALA A 345 16.24 0.32 10.48
N MET A 346 15.30 0.78 11.30
CA MET A 346 15.12 0.26 12.64
C MET A 346 14.49 -1.14 12.59
N ILE A 347 13.35 -1.26 11.92
CA ILE A 347 12.64 -2.55 11.82
C ILE A 347 13.41 -3.72 11.21
N PHE A 348 14.23 -3.45 10.19
CA PHE A 348 15.00 -4.53 9.55
C PHE A 348 16.47 -4.54 9.95
N ALA A 349 16.93 -3.45 10.54
CA ALA A 349 18.32 -3.36 10.98
C ALA A 349 18.39 -3.14 12.48
N GLY A 350 17.46 -2.35 13.02
CA GLY A 350 17.46 -2.06 14.44
C GLY A 350 18.44 -0.94 14.71
N VAL A 351 18.22 0.20 14.06
CA VAL A 351 19.11 1.34 14.19
C VAL A 351 18.40 2.68 14.39
N ASP A 352 19.08 3.59 15.08
CA ASP A 352 18.57 4.95 15.31
C ASP A 352 19.41 5.80 14.37
N VAL A 353 18.91 6.06 13.17
CA VAL A 353 19.65 6.85 12.18
C VAL A 353 20.20 8.16 12.75
N THR A 354 19.46 8.76 13.68
CA THR A 354 19.87 10.02 14.28
C THR A 354 21.16 9.89 15.10
N LYS A 355 21.56 8.65 15.37
CA LYS A 355 22.77 8.41 16.16
C LYS A 355 23.61 7.21 15.72
N GLU A 356 23.30 6.65 14.55
CA GLU A 356 24.02 5.48 14.03
C GLU A 356 23.86 5.29 12.52
N PRO A 357 24.92 4.86 11.84
CA PRO A 357 24.91 4.62 10.40
C PRO A 357 24.21 3.30 10.04
N ILE A 358 23.49 3.29 8.93
CA ILE A 358 22.76 2.11 8.49
C ILE A 358 23.62 1.14 7.66
N PRO A 359 23.49 -0.18 7.90
CA PRO A 359 24.25 -1.21 7.17
C PRO A 359 23.70 -1.45 5.76
N VAL A 360 24.43 -1.01 4.73
CA VAL A 360 23.97 -1.22 3.35
C VAL A 360 24.98 -1.98 2.50
N LEU A 361 24.49 -2.59 1.42
CA LEU A 361 25.32 -3.37 0.50
C LEU A 361 24.69 -3.36 -0.89
N PRO A 362 25.48 -3.05 -1.94
CA PRO A 362 24.97 -3.02 -3.31
C PRO A 362 24.20 -4.28 -3.69
N THR A 363 22.92 -4.11 -4.01
CA THR A 363 22.06 -5.23 -4.38
C THR A 363 21.27 -4.85 -5.63
N VAL A 364 20.82 -5.86 -6.37
CA VAL A 364 20.04 -5.62 -7.58
C VAL A 364 18.91 -4.63 -7.26
N HIS A 365 18.60 -3.77 -8.21
CA HIS A 365 17.61 -2.75 -7.95
C HIS A 365 16.69 -2.40 -9.12
N TYR A 366 17.27 -1.95 -10.22
CA TYR A 366 16.49 -1.53 -11.39
C TYR A 366 16.89 -2.21 -12.69
N ASN A 367 15.94 -2.34 -13.59
CA ASN A 367 16.18 -2.94 -14.90
C ASN A 367 16.03 -1.96 -16.07
N MET A 368 17.14 -1.50 -16.64
CA MET A 368 17.07 -0.56 -17.76
C MET A 368 16.53 -1.24 -19.02
N GLY A 369 16.78 -2.53 -19.17
CA GLY A 369 16.31 -3.25 -20.33
C GLY A 369 14.84 -3.63 -20.19
N GLY A 370 14.24 -4.05 -21.31
CA GLY A 370 12.85 -4.43 -21.33
C GLY A 370 12.34 -4.53 -22.76
N ILE A 371 11.05 -4.27 -22.95
CA ILE A 371 10.46 -4.33 -24.28
C ILE A 371 10.87 -3.12 -25.10
N PRO A 372 11.50 -3.36 -26.27
CA PRO A 372 11.96 -2.32 -27.19
C PRO A 372 10.86 -1.34 -27.52
N THR A 373 11.13 -0.06 -27.27
CA THR A 373 10.14 0.96 -27.51
C THR A 373 10.59 2.17 -28.35
N ASN A 374 9.58 2.90 -28.79
CA ASN A 374 9.62 4.10 -29.59
C ASN A 374 9.50 5.22 -28.55
N TYR A 375 9.81 6.47 -28.86
CA TYR A 375 9.65 7.50 -27.83
C TYR A 375 8.15 7.76 -27.61
N LYS A 376 7.31 7.11 -28.43
CA LYS A 376 5.86 7.22 -28.32
C LYS A 376 5.27 6.00 -27.62
N GLY A 377 6.13 5.13 -27.09
CA GLY A 377 5.65 3.94 -26.39
C GLY A 377 5.34 2.70 -27.21
N GLN A 378 5.37 2.83 -28.53
CA GLN A 378 5.10 1.68 -29.40
C GLN A 378 6.24 0.67 -29.39
N VAL A 379 5.89 -0.61 -29.32
CA VAL A 379 6.87 -1.69 -29.28
C VAL A 379 7.52 -1.90 -30.63
N LEU A 380 8.82 -2.14 -30.62
CA LEU A 380 9.56 -2.33 -31.87
C LEU A 380 10.05 -3.76 -32.05
N ARG A 381 10.14 -4.18 -33.30
CA ARG A 381 10.66 -5.47 -33.66
C ARG A 381 11.74 -5.12 -34.68
N HIS A 382 12.69 -6.01 -34.93
CA HIS A 382 13.76 -5.70 -35.87
C HIS A 382 13.67 -6.47 -37.18
N VAL A 383 13.50 -5.75 -38.28
CA VAL A 383 13.38 -6.39 -39.59
C VAL A 383 14.42 -5.83 -40.57
N ASN A 384 15.22 -6.71 -41.16
CA ASN A 384 16.26 -6.27 -42.10
C ASN A 384 17.07 -5.11 -41.52
N GLY A 385 17.52 -5.25 -40.29
CA GLY A 385 18.29 -4.19 -39.67
C GLY A 385 17.58 -2.86 -39.47
N GLN A 386 16.25 -2.89 -39.45
CA GLN A 386 15.49 -1.66 -39.27
C GLN A 386 14.36 -1.81 -38.26
N ASP A 387 13.98 -0.70 -37.64
CA ASP A 387 12.90 -0.71 -36.66
C ASP A 387 11.55 -0.80 -37.35
N GLN A 388 10.62 -1.51 -36.73
CA GLN A 388 9.29 -1.66 -37.27
C GLN A 388 8.31 -1.63 -36.11
N VAL A 389 7.27 -0.83 -36.22
CA VAL A 389 6.28 -0.74 -35.16
C VAL A 389 5.35 -1.95 -35.17
N VAL A 390 5.16 -2.56 -33.99
CA VAL A 390 4.29 -3.72 -33.85
C VAL A 390 2.90 -3.17 -33.63
N PRO A 391 2.03 -3.30 -34.64
CA PRO A 391 0.66 -2.79 -34.58
C PRO A 391 -0.08 -3.15 -33.30
N GLY A 392 -0.70 -2.13 -32.69
CA GLY A 392 -1.49 -2.29 -31.49
C GLY A 392 -0.79 -2.79 -30.25
N LEU A 393 0.49 -2.46 -30.08
CA LEU A 393 1.24 -2.90 -28.90
C LEU A 393 2.13 -1.79 -28.37
N TYR A 394 1.98 -1.47 -27.09
CA TYR A 394 2.79 -0.42 -26.44
C TYR A 394 3.38 -0.96 -25.14
N ALA A 395 4.39 -0.27 -24.62
CA ALA A 395 5.00 -0.67 -23.35
C ALA A 395 5.58 0.59 -22.70
N CYS A 396 5.52 0.63 -21.38
CA CYS A 396 6.05 1.78 -20.66
C CYS A 396 6.44 1.38 -19.25
N GLY A 397 7.28 2.19 -18.61
CA GLY A 397 7.73 1.86 -17.27
C GLY A 397 9.01 1.07 -17.30
N GLU A 398 9.32 0.40 -16.19
CA GLU A 398 10.53 -0.41 -16.08
C GLU A 398 10.54 -1.59 -17.07
N ALA A 399 9.36 -2.14 -17.35
CA ALA A 399 9.22 -3.26 -18.27
C ALA A 399 9.58 -2.85 -19.69
N ALA A 400 9.57 -1.55 -19.93
CA ALA A 400 9.86 -1.04 -21.26
C ALA A 400 11.30 -0.60 -21.42
N CYS A 401 11.73 -0.51 -22.68
CA CYS A 401 13.06 -0.02 -22.96
C CYS A 401 13.00 0.98 -24.13
N ALA A 402 12.49 2.17 -23.84
CA ALA A 402 12.43 3.24 -24.81
C ALA A 402 13.91 3.60 -24.76
N SER A 403 14.46 3.21 -23.63
CA SER A 403 15.85 3.40 -23.25
C SER A 403 16.19 4.86 -23.14
N VAL A 404 15.67 5.44 -22.08
CA VAL A 404 15.90 6.83 -21.75
C VAL A 404 16.94 6.72 -20.64
N HIS A 405 17.15 5.48 -20.19
CA HIS A 405 18.12 5.19 -19.13
C HIS A 405 19.41 4.60 -19.71
N GLY A 406 19.33 4.04 -20.92
CA GLY A 406 20.49 3.46 -21.55
C GLY A 406 21.21 2.39 -20.75
N ALA A 407 22.51 2.56 -20.55
CA ALA A 407 23.32 1.62 -19.81
C ALA A 407 23.29 1.91 -18.31
N ASN A 408 22.61 2.99 -17.91
CA ASN A 408 22.53 3.31 -16.50
C ASN A 408 21.51 4.37 -16.12
N ARG A 409 20.54 3.98 -15.29
CA ARG A 409 19.49 4.89 -14.88
C ARG A 409 19.95 5.94 -13.85
N LEU A 410 19.63 7.19 -14.15
CA LEU A 410 19.94 8.31 -13.26
C LEU A 410 18.86 8.27 -12.18
N GLY A 411 19.26 8.33 -10.91
CA GLY A 411 18.30 8.32 -9.82
C GLY A 411 17.18 9.35 -9.94
N ALA A 412 15.95 8.92 -9.62
CA ALA A 412 14.77 9.78 -9.68
C ALA A 412 14.24 9.99 -11.10
N ASN A 413 14.73 9.17 -12.03
CA ASN A 413 14.31 9.27 -13.41
C ASN A 413 13.31 8.19 -13.76
N SER A 414 13.17 7.20 -12.90
CA SER A 414 12.20 6.14 -13.21
C SER A 414 10.76 6.53 -12.95
N LEU A 415 10.50 7.20 -11.83
CA LEU A 415 9.12 7.63 -11.55
C LEU A 415 8.71 8.60 -12.66
N LEU A 416 9.66 9.39 -13.14
CA LEU A 416 9.40 10.34 -14.23
C LEU A 416 9.03 9.57 -15.49
N ASP A 417 9.85 8.57 -15.78
CA ASP A 417 9.66 7.70 -16.93
C ASP A 417 8.24 7.13 -16.90
N LEU A 418 7.85 6.64 -15.72
CA LEU A 418 6.54 6.05 -15.51
C LEU A 418 5.42 6.94 -16.00
N VAL A 419 5.40 8.14 -15.43
CA VAL A 419 4.40 9.15 -15.73
C VAL A 419 4.47 9.70 -17.14
N VAL A 420 5.67 9.93 -17.65
CA VAL A 420 5.81 10.47 -18.98
C VAL A 420 5.34 9.54 -20.10
N PHE A 421 5.86 8.33 -20.11
CA PHE A 421 5.51 7.39 -21.15
C PHE A 421 4.16 6.74 -20.93
N GLY A 422 3.71 6.73 -19.69
CA GLY A 422 2.39 6.20 -19.42
C GLY A 422 1.47 7.10 -20.25
N ARG A 423 1.70 8.41 -20.11
CA ARG A 423 0.96 9.43 -20.84
C ARG A 423 1.16 9.31 -22.35
N ALA A 424 2.41 9.09 -22.77
CA ALA A 424 2.70 8.99 -24.20
C ALA A 424 1.92 7.86 -24.89
N CYS A 425 1.80 6.73 -24.19
CA CYS A 425 1.08 5.60 -24.75
C CYS A 425 -0.37 6.00 -25.00
N ALA A 426 -0.99 6.53 -23.96
CA ALA A 426 -2.38 6.96 -24.04
C ALA A 426 -2.55 7.98 -25.18
N LEU A 427 -1.61 8.92 -25.27
CA LEU A 427 -1.63 9.94 -26.32
C LEU A 427 -1.41 9.41 -27.73
N SER A 428 -0.56 8.39 -27.88
CA SER A 428 -0.31 7.87 -29.21
C SER A 428 -1.50 7.09 -29.68
N ILE A 429 -2.25 6.55 -28.74
CA ILE A 429 -3.45 5.80 -29.10
C ILE A 429 -4.56 6.78 -29.43
N ALA A 430 -4.71 7.81 -28.62
CA ALA A 430 -5.72 8.84 -28.83
C ALA A 430 -5.46 9.59 -30.12
N GLU A 431 -4.20 9.71 -30.50
CA GLU A 431 -3.84 10.43 -31.70
C GLU A 431 -3.87 9.57 -32.97
N SER A 432 -3.89 8.26 -32.80
CA SER A 432 -3.86 7.37 -33.95
C SER A 432 -5.16 6.67 -34.29
N CYS A 433 -6.13 6.69 -33.38
CA CYS A 433 -7.40 6.04 -33.65
C CYS A 433 -8.50 6.68 -32.81
N ARG A 434 -9.72 6.18 -32.95
CA ARG A 434 -10.86 6.70 -32.20
C ARG A 434 -11.58 5.62 -31.41
N PRO A 435 -12.13 5.97 -30.24
CA PRO A 435 -12.83 4.93 -29.49
C PRO A 435 -13.98 4.44 -30.37
N GLY A 436 -14.31 3.16 -30.25
CA GLY A 436 -15.38 2.61 -31.06
C GLY A 436 -14.93 2.02 -32.39
N ASP A 437 -13.66 2.22 -32.74
CA ASP A 437 -13.16 1.66 -34.00
C ASP A 437 -13.24 0.13 -33.96
N LYS A 438 -13.14 -0.49 -35.13
CA LYS A 438 -13.21 -1.94 -35.19
C LYS A 438 -12.16 -2.65 -34.35
N VAL A 439 -12.63 -3.47 -33.41
CA VAL A 439 -11.73 -4.25 -32.59
C VAL A 439 -11.49 -5.54 -33.37
N PRO A 440 -10.23 -5.82 -33.72
CA PRO A 440 -9.81 -7.00 -34.47
C PRO A 440 -10.41 -8.33 -34.07
N SER A 441 -10.56 -9.22 -35.05
CA SER A 441 -11.12 -10.54 -34.80
C SER A 441 -10.15 -11.37 -33.95
N ILE A 442 -10.54 -12.60 -33.64
CA ILE A 442 -9.73 -13.48 -32.82
C ILE A 442 -10.11 -14.93 -33.15
N LYS A 443 -9.14 -15.78 -33.43
CA LYS A 443 -9.48 -17.17 -33.75
C LYS A 443 -10.07 -17.78 -32.46
N PRO A 444 -11.12 -18.62 -32.60
CA PRO A 444 -11.78 -19.26 -31.45
C PRO A 444 -10.88 -20.11 -30.57
N ASN A 445 -9.61 -20.22 -30.95
CA ASN A 445 -8.64 -21.00 -30.19
C ASN A 445 -7.48 -20.15 -29.70
N ALA A 446 -7.59 -18.84 -29.89
CA ALA A 446 -6.55 -17.94 -29.46
C ALA A 446 -6.30 -18.11 -27.98
N GLY A 447 -5.04 -18.32 -27.61
CA GLY A 447 -4.67 -18.51 -26.22
C GLY A 447 -4.62 -19.95 -25.77
N GLU A 448 -5.02 -20.86 -26.64
CA GLU A 448 -5.02 -22.29 -26.32
C GLU A 448 -3.70 -22.76 -25.71
N GLU A 449 -2.59 -22.28 -26.27
CA GLU A 449 -1.26 -22.64 -25.78
C GLU A 449 -1.10 -22.21 -24.33
N SER A 450 -1.55 -21.00 -24.02
CA SER A 450 -1.44 -20.47 -22.67
C SER A 450 -2.19 -21.32 -21.65
N VAL A 451 -3.45 -21.64 -21.98
CA VAL A 451 -4.27 -22.45 -21.10
C VAL A 451 -3.66 -23.84 -20.86
N MET A 452 -3.16 -24.45 -21.93
CA MET A 452 -2.53 -25.76 -21.86
C MET A 452 -1.34 -25.74 -20.93
N ASN A 453 -0.48 -24.74 -21.10
CA ASN A 453 0.69 -24.59 -20.26
C ASN A 453 0.22 -24.40 -18.82
N LEU A 454 -0.92 -23.75 -18.64
CA LEU A 454 -1.51 -23.50 -17.32
C LEU A 454 -1.91 -24.85 -16.72
N ASP A 455 -2.75 -25.57 -17.45
CA ASP A 455 -3.24 -26.88 -17.06
C ASP A 455 -2.09 -27.84 -16.72
N LYS A 456 -0.98 -27.70 -17.45
CA LYS A 456 0.21 -28.54 -17.24
C LYS A 456 0.79 -28.34 -15.84
N LEU A 457 1.31 -27.14 -15.57
CA LEU A 457 1.89 -26.81 -14.25
C LEU A 457 0.88 -27.00 -13.12
N ARG A 458 -0.39 -26.81 -13.43
CA ARG A 458 -1.47 -26.94 -12.46
C ARG A 458 -1.38 -28.31 -11.78
N PHE A 459 -1.16 -29.36 -12.57
CA PHE A 459 -1.07 -30.71 -12.03
C PHE A 459 0.34 -31.32 -12.06
N ALA A 460 1.37 -30.48 -12.16
CA ALA A 460 2.74 -30.94 -12.22
C ALA A 460 3.13 -31.94 -11.12
N ASN A 461 3.42 -33.17 -11.53
CA ASN A 461 3.80 -34.28 -10.63
C ASN A 461 5.29 -34.61 -10.67
N GLY A 462 6.11 -33.65 -11.08
CA GLY A 462 7.54 -33.88 -11.20
C GLY A 462 8.33 -34.22 -9.95
N THR A 463 9.61 -33.83 -9.96
CA THR A 463 10.52 -34.11 -8.86
C THR A 463 11.12 -32.87 -8.16
N ILE A 464 11.14 -31.73 -8.84
CA ILE A 464 11.70 -30.50 -8.29
C ILE A 464 10.61 -29.53 -7.84
N ARG A 465 10.78 -28.97 -6.65
CA ARG A 465 9.80 -28.03 -6.13
C ARG A 465 10.04 -26.64 -6.71
N THR A 466 8.95 -25.96 -7.10
CA THR A 466 9.04 -24.62 -7.67
C THR A 466 10.03 -23.74 -6.93
N SER A 467 9.96 -23.74 -5.59
CA SER A 467 10.86 -22.94 -4.77
C SER A 467 12.31 -23.37 -4.90
N GLU A 468 12.52 -24.67 -5.07
CA GLU A 468 13.87 -25.21 -5.21
C GLU A 468 14.51 -24.68 -6.48
N LEU A 469 13.77 -24.77 -7.57
CA LEU A 469 14.23 -24.31 -8.87
C LEU A 469 14.51 -22.80 -8.86
N ARG A 470 13.54 -22.01 -8.40
CA ARG A 470 13.72 -20.57 -8.36
C ARG A 470 14.99 -20.21 -7.59
N LEU A 471 15.24 -20.93 -6.50
CA LEU A 471 16.42 -20.67 -5.68
C LEU A 471 17.71 -20.97 -6.43
N SER A 472 17.67 -21.98 -7.31
CA SER A 472 18.83 -22.35 -8.11
C SER A 472 19.15 -21.22 -9.11
N MET A 473 18.11 -20.69 -9.73
CA MET A 473 18.25 -19.62 -10.70
C MET A 473 18.75 -18.32 -10.07
N GLN A 474 18.23 -17.99 -8.89
CA GLN A 474 18.63 -16.75 -8.23
C GLN A 474 20.09 -16.71 -7.79
N LYS A 475 20.54 -17.77 -7.13
CA LYS A 475 21.92 -17.82 -6.66
C LYS A 475 22.91 -17.95 -7.80
N SER A 476 22.46 -18.52 -8.92
CA SER A 476 23.32 -18.65 -10.09
C SER A 476 23.55 -17.27 -10.70
N MET A 477 22.46 -16.51 -10.80
CA MET A 477 22.53 -15.16 -11.36
C MET A 477 23.37 -14.31 -10.45
N GLN A 478 23.16 -14.48 -9.15
CA GLN A 478 23.87 -13.73 -8.13
C GLN A 478 25.38 -13.93 -8.16
N SER A 479 25.79 -15.15 -8.50
CA SER A 479 27.22 -15.47 -8.54
C SER A 479 27.88 -15.24 -9.90
N HIS A 480 27.16 -15.51 -10.98
CA HIS A 480 27.74 -15.33 -12.31
C HIS A 480 27.47 -14.01 -13.02
N ALA A 481 26.43 -13.27 -12.63
CA ALA A 481 26.12 -12.00 -13.30
C ALA A 481 25.91 -10.82 -12.36
N ALA A 482 26.80 -10.68 -11.40
CA ALA A 482 26.70 -9.59 -10.42
C ALA A 482 27.36 -8.30 -10.89
N VAL A 483 27.83 -7.50 -9.94
CA VAL A 483 28.45 -6.21 -10.24
C VAL A 483 29.71 -6.32 -11.09
N PHE A 484 30.34 -7.49 -11.08
CA PHE A 484 31.56 -7.73 -11.86
C PHE A 484 31.49 -9.04 -12.60
N ARG A 485 31.96 -9.05 -13.85
CA ARG A 485 31.89 -10.26 -14.67
C ARG A 485 33.03 -10.49 -15.66
N VAL A 486 33.18 -11.75 -16.09
CA VAL A 486 34.19 -12.17 -17.06
C VAL A 486 33.71 -13.40 -17.81
N GLY A 487 34.15 -13.53 -19.06
CA GLY A 487 33.75 -14.66 -19.90
C GLY A 487 33.59 -16.00 -19.22
N SER A 488 34.58 -16.39 -18.42
CA SER A 488 34.58 -17.67 -17.70
C SER A 488 33.36 -17.75 -16.80
N VAL A 489 33.31 -16.83 -15.83
CA VAL A 489 32.23 -16.75 -14.87
C VAL A 489 30.89 -16.63 -15.58
N LEU A 490 30.88 -15.90 -16.69
CA LEU A 490 29.66 -15.71 -17.48
C LEU A 490 29.22 -16.95 -18.25
N GLN A 491 30.15 -17.59 -18.94
CA GLN A 491 29.78 -18.78 -19.70
C GLN A 491 29.31 -19.93 -18.80
N GLU A 492 29.99 -20.12 -17.67
CA GLU A 492 29.57 -21.19 -16.77
C GLU A 492 28.15 -20.87 -16.35
N GLY A 493 27.87 -19.57 -16.18
CA GLY A 493 26.54 -19.13 -15.78
C GLY A 493 25.49 -19.40 -16.84
N CYS A 494 25.82 -19.13 -18.09
CA CYS A 494 24.89 -19.36 -19.19
C CYS A 494 24.44 -20.81 -19.26
N GLU A 495 25.41 -21.72 -19.34
CA GLU A 495 25.12 -23.14 -19.41
C GLU A 495 24.50 -23.60 -18.10
N LYS A 496 24.86 -22.93 -17.01
CA LYS A 496 24.34 -23.24 -15.70
C LYS A 496 22.84 -22.90 -15.66
N ILE A 497 22.51 -21.75 -16.24
CA ILE A 497 21.12 -21.28 -16.27
C ILE A 497 20.28 -21.98 -17.35
N LEU A 498 20.92 -22.34 -18.46
CA LEU A 498 20.25 -23.06 -19.55
C LEU A 498 19.95 -24.46 -19.08
N ARG A 499 20.70 -24.89 -18.06
CA ARG A 499 20.54 -26.20 -17.47
C ARG A 499 19.27 -26.20 -16.63
N LEU A 500 19.10 -25.16 -15.83
CA LEU A 500 17.92 -25.03 -14.98
C LEU A 500 16.67 -24.91 -15.86
N TYR A 501 16.78 -24.16 -16.95
CA TYR A 501 15.66 -24.00 -17.87
C TYR A 501 15.19 -25.37 -18.28
N GLY A 502 16.14 -26.29 -18.42
CA GLY A 502 15.79 -27.64 -18.79
C GLY A 502 14.89 -28.26 -17.73
N ASP A 503 15.24 -28.04 -16.46
CA ASP A 503 14.50 -28.59 -15.33
C ASP A 503 13.03 -28.16 -15.20
N LEU A 504 12.64 -27.10 -15.88
CA LEU A 504 11.26 -26.64 -15.80
C LEU A 504 10.26 -27.75 -16.09
N GLN A 505 10.75 -28.88 -16.57
CA GLN A 505 9.85 -29.98 -16.87
C GLN A 505 9.83 -31.03 -15.76
N HIS A 506 10.75 -30.89 -14.82
CA HIS A 506 10.81 -31.81 -13.70
C HIS A 506 10.33 -31.14 -12.42
N LEU A 507 9.54 -30.08 -12.59
CA LEU A 507 9.02 -29.35 -11.42
C LEU A 507 7.75 -29.96 -10.81
N LYS A 508 7.68 -29.88 -9.49
CA LYS A 508 6.56 -30.42 -8.73
C LYS A 508 5.73 -29.32 -8.06
N THR A 509 4.41 -29.43 -8.23
CA THR A 509 3.47 -28.50 -7.66
C THR A 509 2.57 -29.35 -6.74
N PHE A 510 2.02 -28.75 -5.69
CA PHE A 510 1.17 -29.50 -4.78
C PHE A 510 -0.29 -29.04 -4.78
N ASP A 511 -0.49 -27.73 -4.67
CA ASP A 511 -1.84 -27.17 -4.67
C ASP A 511 -2.48 -27.46 -6.02
N ARG A 512 -3.76 -27.81 -6.03
CA ARG A 512 -4.42 -28.14 -7.28
C ARG A 512 -5.85 -27.62 -7.41
N GLY A 513 -6.20 -26.67 -6.56
CA GLY A 513 -7.54 -26.10 -6.61
C GLY A 513 -7.61 -25.01 -7.65
N MET A 514 -8.80 -24.44 -7.82
CA MET A 514 -9.02 -23.37 -8.78
C MET A 514 -8.95 -21.97 -8.16
N VAL A 515 -9.07 -21.90 -6.84
CA VAL A 515 -9.06 -20.61 -6.15
C VAL A 515 -7.71 -20.28 -5.53
N TRP A 516 -7.25 -19.05 -5.77
CA TRP A 516 -5.97 -18.58 -5.24
C TRP A 516 -4.85 -19.62 -5.17
N ASN A 517 -4.45 -20.11 -6.35
CA ASN A 517 -3.39 -21.09 -6.42
C ASN A 517 -2.06 -20.34 -6.56
N THR A 518 -1.61 -19.77 -5.45
CA THR A 518 -0.35 -19.05 -5.48
C THR A 518 0.73 -20.07 -5.83
N ASP A 519 0.40 -21.34 -5.68
CA ASP A 519 1.35 -22.39 -6.02
C ASP A 519 1.53 -22.34 -7.54
N LEU A 520 0.40 -22.40 -8.23
CA LEU A 520 0.37 -22.35 -9.69
C LEU A 520 0.95 -21.06 -10.25
N VAL A 521 0.51 -19.90 -9.74
CA VAL A 521 1.02 -18.64 -10.25
C VAL A 521 2.50 -18.41 -9.97
N GLU A 522 2.97 -18.69 -8.75
CA GLU A 522 4.39 -18.46 -8.48
C GLU A 522 5.23 -19.30 -9.42
N THR A 523 4.68 -20.42 -9.87
CA THR A 523 5.36 -21.30 -10.80
C THR A 523 5.33 -20.58 -12.15
N LEU A 524 4.15 -20.16 -12.60
CA LEU A 524 4.05 -19.43 -13.87
C LEU A 524 5.05 -18.28 -13.85
N GLU A 525 5.23 -17.66 -12.68
CA GLU A 525 6.17 -16.56 -12.56
C GLU A 525 7.60 -17.07 -12.77
N LEU A 526 7.88 -18.28 -12.30
CA LEU A 526 9.19 -18.87 -12.46
C LEU A 526 9.50 -19.00 -13.95
N GLN A 527 8.54 -19.50 -14.71
CA GLN A 527 8.73 -19.65 -16.15
C GLN A 527 9.15 -18.29 -16.69
N ASN A 528 8.51 -17.23 -16.20
CA ASN A 528 8.84 -15.89 -16.65
C ASN A 528 10.23 -15.44 -16.25
N LEU A 529 10.57 -15.60 -14.97
CA LEU A 529 11.89 -15.20 -14.50
C LEU A 529 12.99 -15.90 -15.29
N MET A 530 12.75 -17.15 -15.70
CA MET A 530 13.74 -17.91 -16.46
C MET A 530 14.04 -17.25 -17.82
N LEU A 531 12.99 -16.90 -18.55
CA LEU A 531 13.16 -16.27 -19.86
C LEU A 531 13.95 -14.98 -19.72
N CYS A 532 13.78 -14.29 -18.60
CA CYS A 532 14.51 -13.04 -18.39
C CYS A 532 15.96 -13.31 -18.06
N ALA A 533 16.21 -14.30 -17.21
CA ALA A 533 17.59 -14.61 -16.84
C ALA A 533 18.40 -15.08 -18.04
N LEU A 534 17.81 -15.91 -18.88
CA LEU A 534 18.52 -16.40 -20.05
C LEU A 534 19.04 -15.24 -20.90
N GLN A 535 18.17 -14.25 -21.11
CA GLN A 535 18.53 -13.11 -21.92
C GLN A 535 19.52 -12.20 -21.22
N THR A 536 19.42 -12.11 -19.90
CA THR A 536 20.33 -11.25 -19.16
C THR A 536 21.75 -11.78 -19.18
N ILE A 537 21.91 -13.04 -18.79
CA ILE A 537 23.22 -13.65 -18.72
C ILE A 537 23.86 -13.81 -20.12
N TYR A 538 23.08 -14.23 -21.12
CA TYR A 538 23.63 -14.38 -22.47
C TYR A 538 24.04 -13.04 -23.07
N GLY A 539 23.13 -12.08 -23.07
CA GLY A 539 23.45 -10.78 -23.61
C GLY A 539 24.65 -10.22 -22.86
N ALA A 540 24.80 -10.61 -21.61
CA ALA A 540 25.91 -10.13 -20.79
C ALA A 540 27.25 -10.71 -21.21
N GLU A 541 27.27 -12.01 -21.51
CA GLU A 541 28.50 -12.69 -21.91
C GLU A 541 29.00 -12.16 -23.25
N ALA A 542 28.07 -11.92 -24.17
CA ALA A 542 28.42 -11.41 -25.49
C ALA A 542 28.94 -9.97 -25.52
N ARG A 543 28.46 -9.13 -24.60
CA ARG A 543 28.91 -7.74 -24.59
C ARG A 543 30.32 -7.58 -24.05
N LYS A 544 31.29 -7.53 -24.96
CA LYS A 544 32.70 -7.41 -24.58
C LYS A 544 33.18 -5.98 -24.53
N GLU A 545 32.73 -5.28 -23.49
CA GLU A 545 33.09 -3.90 -23.23
C GLU A 545 32.53 -3.55 -21.86
N SER A 546 32.84 -2.34 -21.40
CA SER A 546 32.37 -1.86 -20.12
C SER A 546 31.66 -0.52 -20.32
N ARG A 547 30.35 -0.54 -20.13
CA ARG A 547 29.53 0.67 -20.28
C ARG A 547 28.49 0.63 -19.17
N GLY A 548 28.32 1.76 -18.50
CA GLY A 548 27.35 1.84 -17.43
C GLY A 548 27.49 0.73 -16.38
N ALA A 549 26.36 0.10 -16.06
CA ALA A 549 26.34 -0.95 -15.06
C ALA A 549 27.11 -2.21 -15.46
N HIS A 550 27.21 -2.46 -16.76
CA HIS A 550 27.90 -3.64 -17.24
C HIS A 550 29.41 -3.42 -17.25
N ALA A 551 30.09 -4.01 -16.27
CA ALA A 551 31.54 -3.89 -16.14
C ALA A 551 32.21 -5.25 -16.32
N ARG A 552 32.96 -5.39 -17.40
CA ARG A 552 33.69 -6.62 -17.70
C ARG A 552 35.15 -6.44 -17.31
N GLU A 553 35.74 -7.47 -16.70
CA GLU A 553 37.13 -7.43 -16.29
C GLU A 553 38.00 -7.68 -17.52
N ASP A 554 37.49 -8.52 -18.43
CA ASP A 554 38.21 -8.82 -19.65
C ASP A 554 38.36 -7.55 -20.45
N PHE A 555 37.25 -6.81 -20.57
CA PHE A 555 37.22 -5.58 -21.35
C PHE A 555 36.78 -4.36 -20.57
N LYS A 556 37.71 -3.73 -19.88
CA LYS A 556 37.38 -2.52 -19.12
C LYS A 556 37.33 -1.32 -20.05
N GLU A 557 36.94 -1.58 -21.30
CA GLU A 557 36.88 -0.52 -22.30
C GLU A 557 35.49 -0.14 -22.76
N ARG A 558 35.37 1.11 -23.20
CA ARG A 558 34.12 1.67 -23.73
C ARG A 558 34.28 1.67 -25.25
N VAL A 559 34.02 0.52 -25.87
CA VAL A 559 34.15 0.38 -27.33
C VAL A 559 33.05 1.08 -28.13
N ASP A 560 33.33 2.29 -28.60
CA ASP A 560 32.38 3.07 -29.39
C ASP A 560 32.70 2.99 -30.89
N GLU A 561 32.04 3.80 -31.72
CA GLU A 561 32.29 3.78 -33.15
C GLU A 561 33.65 4.44 -33.42
N TYR A 562 33.98 5.42 -32.60
CA TYR A 562 35.24 6.13 -32.68
C TYR A 562 35.85 6.04 -31.30
N ASP A 563 37.01 6.68 -31.12
CA ASP A 563 37.68 6.72 -29.84
C ASP A 563 37.43 8.16 -29.42
N TYR A 564 36.33 8.39 -28.71
CA TYR A 564 35.97 9.74 -28.30
C TYR A 564 36.85 10.45 -27.29
N SER A 565 37.92 9.79 -26.84
CA SER A 565 38.84 10.43 -25.90
C SER A 565 39.63 11.47 -26.71
N LYS A 566 40.36 11.00 -27.72
CA LYS A 566 41.13 11.91 -28.57
C LYS A 566 40.20 12.55 -29.58
N PRO A 567 40.72 13.37 -30.50
CA PRO A 567 39.86 14.01 -31.49
C PRO A 567 39.20 13.05 -32.47
N ILE A 568 38.35 13.62 -33.32
CA ILE A 568 37.62 12.86 -34.32
C ILE A 568 37.59 13.60 -35.64
N GLN A 569 38.16 12.98 -36.66
CA GLN A 569 38.21 13.52 -38.02
C GLN A 569 39.22 12.73 -38.84
N GLY A 570 40.47 12.71 -38.37
CA GLY A 570 41.50 11.96 -39.06
C GLY A 570 41.30 10.48 -38.77
N GLN A 571 40.53 10.24 -37.72
CA GLN A 571 40.21 8.90 -37.24
C GLN A 571 39.17 8.19 -38.10
N GLN A 572 39.21 6.86 -38.11
CA GLN A 572 38.26 6.09 -38.91
C GLN A 572 37.16 5.44 -38.09
N LYS A 573 35.96 5.44 -38.66
CA LYS A 573 34.79 4.88 -38.02
C LYS A 573 34.73 3.36 -38.14
N LYS A 574 34.66 2.67 -37.00
CA LYS A 574 34.59 1.21 -37.00
C LYS A 574 33.22 0.76 -37.53
N PRO A 575 33.17 -0.39 -38.21
CA PRO A 575 31.93 -0.94 -38.76
C PRO A 575 30.95 -1.19 -37.62
N PHE A 576 29.66 -1.09 -37.89
CA PHE A 576 28.65 -1.30 -36.85
C PHE A 576 28.87 -2.58 -36.05
N GLN A 577 29.12 -3.68 -36.76
CA GLN A 577 29.33 -4.97 -36.07
C GLN A 577 30.71 -5.11 -35.46
N GLU A 578 31.45 -4.01 -35.43
CA GLU A 578 32.79 -4.05 -34.88
C GLU A 578 32.90 -3.30 -33.55
N HIS A 579 31.85 -2.55 -33.19
CA HIS A 579 31.87 -1.83 -31.92
C HIS A 579 30.68 -2.24 -31.08
N TRP A 580 30.61 -1.75 -29.84
CA TRP A 580 29.51 -2.12 -28.95
C TRP A 580 28.55 -1.00 -28.54
N ARG A 581 28.60 0.13 -29.23
CA ARG A 581 27.69 1.20 -28.90
C ARG A 581 26.40 0.92 -29.64
N LYS A 582 25.70 -0.11 -29.18
CA LYS A 582 24.45 -0.52 -29.79
C LYS A 582 23.63 -1.33 -28.78
N HIS A 583 22.31 -1.34 -28.97
CA HIS A 583 21.43 -2.07 -28.08
C HIS A 583 21.46 -3.54 -28.40
N THR A 584 21.35 -4.36 -27.36
CA THR A 584 21.32 -5.80 -27.50
C THR A 584 19.87 -6.21 -27.70
N LEU A 585 19.61 -7.02 -28.72
CA LEU A 585 18.26 -7.53 -28.96
C LEU A 585 18.33 -9.03 -28.73
N SER A 586 17.47 -9.55 -27.87
CA SER A 586 17.54 -10.97 -27.59
C SER A 586 16.21 -11.66 -27.82
N TYR A 587 16.31 -12.93 -28.21
CA TYR A 587 15.15 -13.76 -28.47
C TYR A 587 15.40 -15.10 -27.79
N VAL A 588 14.43 -15.98 -27.84
CA VAL A 588 14.63 -17.28 -27.25
C VAL A 588 13.54 -18.23 -27.66
N ASP A 589 13.95 -19.44 -28.02
CA ASP A 589 13.02 -20.48 -28.43
C ASP A 589 12.38 -20.99 -27.14
N VAL A 590 11.13 -20.60 -26.94
CA VAL A 590 10.40 -21.00 -25.74
C VAL A 590 10.57 -22.48 -25.43
N LYS A 591 10.63 -23.30 -26.47
CA LYS A 591 10.72 -24.74 -26.30
C LYS A 591 12.10 -25.31 -25.92
N THR A 592 13.17 -24.66 -26.35
CA THR A 592 14.50 -25.17 -26.06
C THR A 592 15.33 -24.26 -25.16
N GLY A 593 14.93 -22.99 -25.09
CA GLY A 593 15.68 -22.05 -24.27
C GLY A 593 16.88 -21.56 -25.03
N LYS A 594 16.85 -21.65 -26.35
CA LYS A 594 17.98 -21.20 -27.14
C LYS A 594 17.93 -19.69 -27.36
N VAL A 595 18.96 -19.01 -26.90
CA VAL A 595 19.06 -17.57 -27.00
C VAL A 595 19.78 -17.14 -28.27
N SER A 596 19.12 -16.34 -29.07
CA SER A 596 19.74 -15.83 -30.27
C SER A 596 19.67 -14.32 -30.07
N LEU A 597 20.68 -13.59 -30.51
CA LEU A 597 20.65 -12.14 -30.33
C LEU A 597 21.21 -11.34 -31.50
N GLU A 598 20.75 -10.09 -31.60
CA GLU A 598 21.21 -9.19 -32.66
C GLU A 598 21.35 -7.80 -32.05
N TYR A 599 21.54 -6.80 -32.89
CA TYR A 599 21.69 -5.45 -32.37
C TYR A 599 21.10 -4.40 -33.29
N ARG A 600 20.79 -3.24 -32.72
CA ARG A 600 20.27 -2.14 -33.51
C ARG A 600 20.91 -0.88 -32.95
N PRO A 601 21.10 0.14 -33.80
CA PRO A 601 21.72 1.41 -33.36
C PRO A 601 20.96 2.12 -32.26
N VAL A 602 21.66 3.01 -31.57
CA VAL A 602 21.02 3.81 -30.56
C VAL A 602 20.73 5.10 -31.31
N ILE A 603 19.64 5.77 -30.95
CA ILE A 603 19.30 7.01 -31.65
C ILE A 603 20.03 8.16 -30.99
N ASP A 604 20.78 8.92 -31.78
CA ASP A 604 21.53 10.05 -31.26
C ASP A 604 20.89 11.37 -31.54
N LYS A 605 20.07 11.45 -32.58
CA LYS A 605 19.40 12.69 -32.90
C LYS A 605 18.25 12.91 -31.92
N THR A 606 17.97 14.16 -31.61
CA THR A 606 16.90 14.51 -30.69
C THR A 606 15.67 14.86 -31.55
N LEU A 607 14.62 15.35 -30.91
CA LEU A 607 13.43 15.72 -31.67
C LEU A 607 13.59 17.02 -32.43
N ASN A 608 14.58 17.81 -32.05
CA ASN A 608 14.82 19.09 -32.72
C ASN A 608 16.17 19.69 -32.36
N GLU A 609 17.10 19.61 -33.30
CA GLU A 609 18.45 20.10 -33.07
C GLU A 609 18.46 21.52 -32.53
N ALA A 610 17.56 22.35 -33.04
CA ALA A 610 17.46 23.74 -32.63
C ALA A 610 17.03 23.92 -31.18
N ASP A 611 16.17 23.04 -30.69
CA ASP A 611 15.67 23.17 -29.33
C ASP A 611 16.49 22.39 -28.30
N CYS A 612 17.12 21.29 -28.72
CA CYS A 612 17.93 20.49 -27.81
C CYS A 612 18.97 19.75 -28.64
N ALA A 613 20.21 20.22 -28.55
CA ALA A 613 21.31 19.67 -29.33
C ALA A 613 21.76 18.28 -28.91
N THR A 614 22.17 17.47 -29.88
CA THR A 614 22.66 16.13 -29.56
C THR A 614 23.95 16.26 -28.76
N VAL A 615 24.16 15.34 -27.83
CA VAL A 615 25.38 15.37 -27.04
C VAL A 615 26.19 14.16 -27.47
N PRO A 616 27.31 14.39 -28.16
CA PRO A 616 28.18 13.31 -28.64
C PRO A 616 28.82 12.54 -27.50
N PRO A 617 29.19 11.27 -27.74
CA PRO A 617 29.81 10.48 -26.68
C PRO A 617 31.10 11.18 -26.23
N ALA A 618 31.32 11.17 -24.92
CA ALA A 618 32.52 11.76 -24.32
C ALA A 618 33.03 10.71 -23.35
N ILE A 619 33.99 11.07 -22.51
CA ILE A 619 34.52 10.11 -21.55
C ILE A 619 33.62 10.04 -20.32
N ARG A 620 33.41 8.81 -19.85
CA ARG A 620 32.57 8.52 -18.69
C ARG A 620 33.31 8.80 -17.37
N SER A 621 32.83 9.77 -16.58
CA SER A 621 33.49 10.06 -15.31
C SER A 621 32.73 11.03 -14.40
N TYR A 622 32.78 10.76 -13.10
CA TYR A 622 32.11 11.58 -12.10
C TYR A 622 33.05 12.00 -10.97
N PRO B 9 19.59 -25.56 17.59
CA PRO B 9 18.25 -25.81 17.01
C PRO B 9 17.18 -25.12 17.83
N ARG B 10 16.34 -24.32 17.17
CA ARG B 10 15.26 -23.61 17.85
C ARG B 10 13.95 -23.72 17.08
N ILE B 11 13.14 -24.70 17.47
CA ILE B 11 11.85 -24.92 16.82
C ILE B 11 10.78 -23.99 17.37
N LYS B 12 10.04 -23.37 16.46
CA LYS B 12 8.94 -22.47 16.82
C LYS B 12 7.67 -23.11 16.27
N LYS B 13 6.60 -23.11 17.05
CA LYS B 13 5.34 -23.69 16.60
C LYS B 13 4.44 -22.64 15.96
N PHE B 14 3.77 -23.03 14.88
CA PHE B 14 2.86 -22.12 14.19
C PHE B 14 1.49 -22.71 13.95
N ALA B 15 0.49 -22.12 14.58
CA ALA B 15 -0.88 -22.56 14.40
C ALA B 15 -1.44 -21.60 13.36
N ILE B 16 -1.92 -22.14 12.24
CA ILE B 16 -2.44 -21.30 11.17
C ILE B 16 -3.82 -21.71 10.67
N TYR B 17 -4.70 -20.73 10.54
CA TYR B 17 -6.04 -20.94 10.05
C TYR B 17 -5.98 -21.48 8.62
N ARG B 18 -6.94 -22.32 8.24
CA ARG B 18 -6.98 -22.89 6.88
C ARG B 18 -8.40 -23.16 6.39
N TRP B 19 -8.58 -23.12 5.07
CA TRP B 19 -9.88 -23.41 4.47
C TRP B 19 -9.82 -23.44 2.95
N ASP B 20 -10.05 -24.62 2.40
CA ASP B 20 -10.00 -24.81 0.96
C ASP B 20 -11.37 -24.76 0.32
N PRO B 21 -11.60 -23.77 -0.55
CA PRO B 21 -12.88 -23.60 -1.25
C PRO B 21 -13.13 -24.75 -2.23
N ASP B 22 -12.02 -25.33 -2.72
CA ASP B 22 -12.10 -26.43 -3.69
C ASP B 22 -11.95 -27.80 -3.05
N LYS B 23 -12.41 -27.95 -1.81
CA LYS B 23 -12.34 -29.23 -1.13
C LYS B 23 -13.68 -29.47 -0.46
N THR B 24 -14.58 -30.08 -1.21
CA THR B 24 -15.94 -30.38 -0.74
C THR B 24 -16.03 -30.64 0.76
N GLY B 25 -17.00 -29.98 1.40
CA GLY B 25 -17.22 -30.16 2.82
C GLY B 25 -16.12 -29.74 3.78
N ASP B 26 -15.09 -29.06 3.28
CA ASP B 26 -14.02 -28.62 4.17
C ASP B 26 -14.57 -27.56 5.12
N LYS B 27 -14.05 -27.54 6.34
CA LYS B 27 -14.48 -26.57 7.32
C LYS B 27 -13.26 -25.90 7.95
N PRO B 28 -13.36 -24.60 8.25
CA PRO B 28 -12.25 -23.86 8.86
C PRO B 28 -11.58 -24.64 9.97
N HIS B 29 -10.25 -24.74 9.93
CA HIS B 29 -9.53 -25.44 10.98
C HIS B 29 -8.08 -24.96 11.07
N MET B 30 -7.46 -25.15 12.22
CA MET B 30 -6.09 -24.74 12.43
C MET B 30 -5.13 -25.88 12.12
N GLN B 31 -4.05 -25.56 11.41
CA GLN B 31 -3.02 -26.53 11.07
C GLN B 31 -1.75 -26.00 11.70
N THR B 32 -1.07 -26.84 12.48
CA THR B 32 0.16 -26.41 13.13
C THR B 32 1.38 -26.76 12.30
N TYR B 33 2.38 -25.89 12.32
CA TYR B 33 3.61 -26.12 11.57
C TYR B 33 4.77 -25.83 12.49
N GLU B 34 5.91 -26.47 12.25
CA GLU B 34 7.09 -26.28 13.06
C GLU B 34 8.23 -25.76 12.18
N ILE B 35 9.02 -24.84 12.72
CA ILE B 35 10.09 -24.22 11.94
C ILE B 35 11.35 -23.95 12.75
N ASP B 36 12.51 -24.28 12.20
CA ASP B 36 13.77 -24.04 12.90
C ASP B 36 14.13 -22.56 12.73
N LEU B 37 13.86 -21.75 13.74
CA LEU B 37 14.15 -20.32 13.68
C LEU B 37 15.56 -19.93 13.28
N ASN B 38 16.49 -20.88 13.26
CA ASN B 38 17.86 -20.54 12.86
C ASN B 38 17.94 -20.55 11.33
N ASN B 39 17.01 -21.29 10.72
CA ASN B 39 16.90 -21.41 9.26
C ASN B 39 15.74 -20.53 8.77
N CYS B 40 15.60 -19.34 9.36
CA CYS B 40 14.50 -18.48 8.98
C CYS B 40 14.77 -17.00 9.20
N GLY B 41 13.88 -16.17 8.69
CA GLY B 41 13.99 -14.74 8.86
C GLY B 41 13.43 -14.36 10.21
N PRO B 42 13.53 -13.08 10.60
CA PRO B 42 13.04 -12.57 11.88
C PRO B 42 11.56 -12.26 11.90
N MET B 43 10.97 -12.03 10.73
CA MET B 43 9.56 -11.67 10.64
C MET B 43 8.62 -12.82 10.37
N VAL B 44 7.37 -12.64 10.76
CA VAL B 44 6.33 -13.65 10.59
C VAL B 44 6.14 -14.05 9.14
N LEU B 45 6.32 -13.11 8.22
CA LEU B 45 6.14 -13.39 6.80
C LEU B 45 7.21 -14.35 6.30
N ASP B 46 8.39 -14.22 6.88
CA ASP B 46 9.50 -15.09 6.52
C ASP B 46 9.12 -16.53 6.82
N ALA B 47 8.48 -16.73 7.96
CA ALA B 47 8.03 -18.05 8.37
C ALA B 47 7.00 -18.55 7.39
N LEU B 48 6.03 -17.71 7.07
CA LEU B 48 4.97 -18.06 6.12
C LEU B 48 5.58 -18.49 4.79
N ILE B 49 6.48 -17.67 4.28
CA ILE B 49 7.15 -17.97 3.01
C ILE B 49 7.91 -19.29 3.11
N LYS B 50 8.59 -19.49 4.25
CA LYS B 50 9.35 -20.71 4.47
C LYS B 50 8.47 -21.97 4.48
N ILE B 51 7.41 -21.99 5.27
CA ILE B 51 6.56 -23.18 5.28
C ILE B 51 5.85 -23.30 3.93
N LYS B 52 5.83 -22.20 3.19
CA LYS B 52 5.20 -22.15 1.87
C LYS B 52 6.10 -22.88 0.86
N ASN B 53 7.40 -22.60 0.92
CA ASN B 53 8.35 -23.20 0.00
C ASN B 53 8.89 -24.60 0.34
N GLU B 54 8.81 -24.99 1.61
CA GLU B 54 9.33 -26.29 2.03
C GLU B 54 8.31 -27.29 2.56
N ILE B 55 7.45 -26.84 3.47
CA ILE B 55 6.47 -27.72 4.09
C ILE B 55 5.17 -27.91 3.32
N ASP B 56 4.50 -26.81 3.01
CA ASP B 56 3.24 -26.88 2.29
C ASP B 56 2.97 -25.63 1.46
N SER B 57 3.17 -25.77 0.14
CA SER B 57 2.95 -24.65 -0.76
C SER B 57 1.48 -24.51 -1.13
N THR B 58 0.59 -25.11 -0.33
CA THR B 58 -0.84 -24.97 -0.57
C THR B 58 -1.30 -23.85 0.34
N LEU B 59 -0.39 -23.37 1.18
CA LEU B 59 -0.68 -22.27 2.10
C LEU B 59 -0.74 -21.00 1.29
N THR B 60 -1.91 -20.37 1.29
CA THR B 60 -2.10 -19.15 0.49
C THR B 60 -2.28 -17.89 1.31
N PHE B 61 -1.62 -16.83 0.88
CA PHE B 61 -1.68 -15.54 1.55
C PHE B 61 -1.08 -14.50 0.64
N ARG B 62 -1.51 -13.25 0.82
CA ARG B 62 -1.02 -12.13 0.02
C ARG B 62 0.28 -11.58 0.58
N ARG B 63 1.19 -11.17 -0.31
CA ARG B 63 2.46 -10.57 0.09
C ARG B 63 3.09 -9.94 -1.14
N SER B 64 4.06 -9.05 -0.94
CA SER B 64 4.72 -8.39 -2.05
C SER B 64 6.01 -7.67 -1.64
N CYS B 65 5.88 -6.51 -1.00
CA CYS B 65 7.02 -5.69 -0.59
C CYS B 65 7.87 -6.24 0.56
N ARG B 66 7.26 -7.03 1.44
CA ARG B 66 7.97 -7.56 2.61
C ARG B 66 8.81 -6.46 3.27
N GLU B 67 8.35 -5.22 3.15
CA GLU B 67 9.05 -4.06 3.67
C GLU B 67 8.12 -3.16 4.51
N GLY B 68 6.85 -3.56 4.57
CA GLY B 68 5.88 -2.82 5.35
C GLY B 68 5.26 -1.56 4.76
N ILE B 69 5.25 -1.43 3.43
CA ILE B 69 4.64 -0.23 2.86
C ILE B 69 3.58 -0.49 1.77
N CYS B 70 3.40 -1.75 1.37
CA CYS B 70 2.40 -2.02 0.35
C CYS B 70 1.04 -2.36 0.97
N GLY B 71 1.06 -2.92 2.19
CA GLY B 71 -0.17 -3.28 2.86
C GLY B 71 -0.74 -4.64 2.50
N SER B 72 0.05 -5.46 1.81
CA SER B 72 -0.40 -6.78 1.37
C SER B 72 -0.55 -7.85 2.47
N CYS B 73 0.26 -7.72 3.53
CA CYS B 73 0.29 -8.64 4.68
C CYS B 73 -0.90 -8.71 5.64
N ALA B 74 -1.56 -7.59 5.87
CA ALA B 74 -2.67 -7.53 6.81
C ALA B 74 -3.28 -8.88 7.22
N MET B 75 -3.10 -9.24 8.49
CA MET B 75 -3.66 -10.49 9.02
C MET B 75 -3.53 -10.44 10.54
N ASN B 76 -4.32 -11.26 11.24
CA ASN B 76 -4.29 -11.28 12.71
C ASN B 76 -3.24 -12.24 13.28
N ILE B 77 -2.25 -11.67 13.97
CA ILE B 77 -1.18 -12.48 14.55
C ILE B 77 -1.24 -12.36 16.07
N ASN B 78 -1.59 -13.47 16.73
CA ASN B 78 -1.71 -13.50 18.18
C ASN B 78 -2.72 -12.47 18.66
N GLY B 79 -3.91 -12.51 18.07
CA GLY B 79 -4.98 -11.60 18.44
C GLY B 79 -4.85 -10.14 18.01
N GLY B 80 -3.86 -9.84 17.18
CA GLY B 80 -3.71 -8.46 16.75
C GLY B 80 -3.50 -8.31 15.26
N ASN B 81 -4.18 -7.33 14.69
CA ASN B 81 -4.06 -7.05 13.27
C ASN B 81 -2.80 -6.24 13.02
N THR B 82 -1.92 -6.75 12.16
CA THR B 82 -0.68 -6.06 11.77
C THR B 82 -0.15 -6.59 10.44
N LEU B 83 1.09 -6.23 10.14
CA LEU B 83 1.73 -6.67 8.91
C LEU B 83 2.69 -7.80 9.19
N ALA B 84 2.38 -8.99 8.67
CA ALA B 84 3.23 -10.15 8.87
C ALA B 84 4.71 -9.87 8.63
N CYS B 85 5.01 -9.02 7.64
CA CYS B 85 6.40 -8.72 7.30
C CYS B 85 7.13 -7.75 8.23
N THR B 86 6.43 -7.24 9.23
CA THR B 86 7.05 -6.29 10.16
C THR B 86 6.97 -6.79 11.59
N ARG B 87 6.03 -7.69 11.83
CA ARG B 87 5.85 -8.27 13.15
C ARG B 87 6.88 -9.39 13.32
N ARG B 88 7.84 -9.19 14.21
CA ARG B 88 8.86 -10.22 14.42
C ARG B 88 8.30 -11.36 15.26
N ILE B 89 8.65 -12.58 14.87
CA ILE B 89 8.22 -13.80 15.55
C ILE B 89 8.62 -13.83 17.03
N ASP B 90 7.78 -14.46 17.85
CA ASP B 90 8.06 -14.57 19.27
C ASP B 90 9.06 -15.70 19.45
N THR B 91 10.30 -15.35 19.79
CA THR B 91 11.36 -16.34 19.97
C THR B 91 11.11 -17.28 21.13
N ASN B 92 10.02 -17.07 21.87
CA ASN B 92 9.68 -17.91 23.00
C ASN B 92 9.09 -19.22 22.50
N LEU B 93 9.95 -20.21 22.31
CA LEU B 93 9.55 -21.50 21.80
C LEU B 93 8.39 -22.12 22.56
N ASP B 94 8.16 -21.66 23.78
CA ASP B 94 7.07 -22.19 24.60
C ASP B 94 5.70 -21.77 24.08
N LYS B 95 5.63 -20.57 23.49
CA LYS B 95 4.38 -20.06 22.95
C LYS B 95 4.23 -20.52 21.50
N VAL B 96 2.98 -20.76 21.11
CA VAL B 96 2.67 -21.19 19.76
C VAL B 96 1.91 -20.07 19.05
N SER B 97 2.54 -19.48 18.02
CA SER B 97 1.95 -18.38 17.25
C SER B 97 0.64 -18.73 16.57
N LYS B 98 -0.33 -17.85 16.70
CA LYS B 98 -1.64 -18.04 16.11
C LYS B 98 -1.86 -17.01 15.00
N ILE B 99 -1.98 -17.51 13.77
CA ILE B 99 -2.19 -16.66 12.61
C ILE B 99 -3.61 -16.85 12.03
N TYR B 100 -4.41 -15.79 12.04
CA TYR B 100 -5.77 -15.85 11.50
C TYR B 100 -5.95 -14.79 10.42
N PRO B 101 -7.03 -14.89 9.62
CA PRO B 101 -7.26 -13.90 8.56
C PRO B 101 -7.77 -12.62 9.25
N LEU B 102 -7.79 -11.50 8.53
CA LEU B 102 -8.31 -10.28 9.16
C LEU B 102 -9.70 -10.64 9.71
N PRO B 103 -10.05 -10.10 10.89
CA PRO B 103 -11.33 -10.35 11.55
C PRO B 103 -12.62 -9.99 10.81
N HIS B 104 -13.66 -10.76 11.07
CA HIS B 104 -15.02 -10.60 10.50
C HIS B 104 -15.07 -10.23 9.01
N MET B 105 -14.42 -11.03 8.19
CA MET B 105 -14.39 -10.78 6.75
C MET B 105 -14.57 -12.12 6.06
N TYR B 106 -15.11 -12.11 4.84
CA TYR B 106 -15.29 -13.37 4.12
C TYR B 106 -13.96 -13.92 3.63
N VAL B 107 -13.67 -15.16 4.00
CA VAL B 107 -12.41 -15.78 3.59
C VAL B 107 -12.55 -16.37 2.20
N ILE B 108 -11.66 -15.97 1.31
CA ILE B 108 -11.67 -16.48 -0.06
C ILE B 108 -10.98 -17.83 -0.03
N LYS B 109 -9.92 -17.91 0.76
CA LYS B 109 -9.13 -19.12 0.93
C LYS B 109 -8.04 -18.80 1.94
N ASP B 110 -7.84 -19.71 2.90
CA ASP B 110 -6.85 -19.57 3.96
C ASP B 110 -6.75 -18.18 4.59
N LEU B 111 -5.59 -17.55 4.51
CA LEU B 111 -5.40 -16.23 5.09
C LEU B 111 -5.78 -15.08 4.14
N VAL B 112 -6.49 -15.37 3.05
CA VAL B 112 -6.85 -14.36 2.07
C VAL B 112 -8.32 -13.91 2.13
N PRO B 113 -8.59 -12.69 2.64
CA PRO B 113 -9.93 -12.09 2.78
C PRO B 113 -10.44 -11.29 1.58
N ASP B 114 -11.77 -11.15 1.48
CA ASP B 114 -12.34 -10.39 0.37
C ASP B 114 -12.38 -8.92 0.80
N LEU B 115 -11.51 -8.09 0.22
CA LEU B 115 -11.46 -6.68 0.59
C LEU B 115 -12.23 -5.77 -0.37
N SER B 116 -13.07 -6.39 -1.20
CA SER B 116 -13.88 -5.65 -2.18
C SER B 116 -14.75 -4.55 -1.59
N ASN B 117 -15.42 -4.84 -0.47
CA ASN B 117 -16.29 -3.84 0.15
C ASN B 117 -15.41 -2.70 0.66
N PHE B 118 -14.30 -3.08 1.27
CA PHE B 118 -13.33 -2.13 1.79
C PHE B 118 -12.92 -1.14 0.71
N TYR B 119 -12.47 -1.65 -0.45
CA TYR B 119 -12.05 -0.81 -1.57
C TYR B 119 -13.20 0.04 -2.09
N ALA B 120 -14.36 -0.58 -2.24
CA ALA B 120 -15.54 0.12 -2.71
C ALA B 120 -15.81 1.34 -1.80
N GLN B 121 -15.74 1.11 -0.49
CA GLN B 121 -15.97 2.17 0.49
C GLN B 121 -15.01 3.35 0.28
N TYR B 122 -13.75 3.00 0.00
CA TYR B 122 -12.73 4.01 -0.26
C TYR B 122 -13.11 4.84 -1.48
N LYS B 123 -13.64 4.18 -2.49
CA LYS B 123 -14.05 4.89 -3.70
C LYS B 123 -15.18 5.88 -3.46
N SER B 124 -16.07 5.54 -2.53
CA SER B 124 -17.23 6.39 -2.24
C SER B 124 -16.97 7.77 -1.64
N ILE B 125 -15.77 8.00 -1.09
CA ILE B 125 -15.46 9.30 -0.50
C ILE B 125 -14.75 10.20 -1.49
N GLU B 126 -14.56 9.69 -2.71
CA GLU B 126 -13.88 10.41 -3.79
C GLU B 126 -12.51 10.92 -3.35
N PRO B 127 -11.55 10.00 -3.13
CA PRO B 127 -10.18 10.29 -2.69
C PRO B 127 -9.29 10.89 -3.76
N TYR B 128 -9.58 12.12 -4.16
CA TYR B 128 -8.81 12.82 -5.17
C TYR B 128 -9.09 14.30 -5.04
N LEU B 129 -8.24 15.14 -5.61
CA LEU B 129 -8.43 16.58 -5.50
C LEU B 129 -9.59 17.07 -6.36
N LYS B 130 -10.40 17.96 -5.78
CA LYS B 130 -11.53 18.52 -6.50
C LYS B 130 -11.49 20.04 -6.38
N LYS B 131 -11.30 20.71 -7.51
CA LYS B 131 -11.27 22.16 -7.58
C LYS B 131 -12.58 22.61 -8.24
N LYS B 132 -13.03 23.82 -7.93
CA LYS B 132 -14.27 24.33 -8.52
C LYS B 132 -14.01 24.71 -9.98
N ASP B 133 -12.76 25.02 -10.28
CA ASP B 133 -12.36 25.38 -11.63
C ASP B 133 -11.23 24.48 -12.08
N GLU B 134 -11.55 23.48 -12.89
CA GLU B 134 -10.54 22.54 -13.37
C GLU B 134 -10.06 22.88 -14.76
N SER B 135 -10.45 24.05 -15.25
CA SER B 135 -10.08 24.50 -16.58
C SER B 135 -8.59 24.86 -16.68
N GLN B 136 -7.94 25.13 -15.56
CA GLN B 136 -6.53 25.50 -15.58
C GLN B 136 -5.62 24.41 -15.00
N GLU B 137 -6.13 23.21 -14.82
CA GLU B 137 -5.26 22.19 -14.25
C GLU B 137 -4.24 21.65 -15.24
N GLY B 138 -3.07 21.34 -14.70
CA GLY B 138 -2.01 20.81 -15.51
C GLY B 138 -1.03 21.87 -15.97
N LYS B 139 -1.37 23.14 -15.81
CA LYS B 139 -0.43 24.16 -16.25
C LYS B 139 0.48 24.81 -15.22
N GLN B 140 0.02 24.93 -13.98
CA GLN B 140 0.84 25.54 -12.93
C GLN B 140 0.71 24.77 -11.62
N GLN B 141 1.79 24.69 -10.86
CA GLN B 141 1.71 23.99 -9.59
C GLN B 141 0.92 24.83 -8.59
N TYR B 142 -0.03 24.19 -7.93
CA TYR B 142 -0.85 24.87 -6.93
C TYR B 142 0.05 25.20 -5.76
N LEU B 143 -0.24 26.31 -5.07
CA LEU B 143 0.57 26.70 -3.92
C LEU B 143 -0.03 26.17 -2.62
N GLN B 144 0.84 25.85 -1.68
CA GLN B 144 0.43 25.35 -0.38
C GLN B 144 1.60 25.61 0.55
N SER B 145 1.37 26.43 1.57
CA SER B 145 2.42 26.77 2.52
C SER B 145 2.81 25.51 3.25
N ILE B 146 4.02 25.47 3.78
CA ILE B 146 4.44 24.29 4.50
C ILE B 146 3.55 24.11 5.72
N GLU B 147 2.88 25.17 6.14
CA GLU B 147 1.98 25.08 7.28
C GLU B 147 0.78 24.21 6.89
N GLU B 148 0.10 24.60 5.83
CA GLU B 148 -1.06 23.86 5.32
C GLU B 148 -0.66 22.43 4.98
N ARG B 149 0.60 22.25 4.60
CA ARG B 149 1.08 20.93 4.25
C ARG B 149 1.28 20.05 5.45
N GLU B 150 1.68 20.63 6.59
CA GLU B 150 1.91 19.81 7.77
C GLU B 150 0.65 19.12 8.28
N LYS B 151 -0.50 19.72 8.01
CA LYS B 151 -1.77 19.16 8.42
C LYS B 151 -2.05 17.79 7.82
N LEU B 152 -1.30 17.40 6.79
CA LEU B 152 -1.48 16.11 6.13
C LEU B 152 -0.60 15.00 6.71
N ASP B 153 0.46 15.40 7.40
CA ASP B 153 1.36 14.43 8.01
C ASP B 153 0.54 13.58 8.96
N GLY B 154 0.66 12.26 8.83
CA GLY B 154 -0.09 11.38 9.71
C GLY B 154 -1.39 10.94 9.10
N LEU B 155 -1.72 11.50 7.94
CA LEU B 155 -2.95 11.16 7.24
C LEU B 155 -2.67 10.47 5.90
N TYR B 156 -1.75 11.04 5.13
CA TYR B 156 -1.39 10.53 3.81
C TYR B 156 -0.51 9.28 3.78
N GLU B 157 0.04 8.90 4.93
CA GLU B 157 0.91 7.71 4.96
C GLU B 157 0.15 6.41 4.99
N CYS B 158 -1.18 6.49 5.04
CA CYS B 158 -2.00 5.29 5.08
C CYS B 158 -1.72 4.38 3.89
N ILE B 159 -1.49 3.11 4.21
CA ILE B 159 -1.15 2.06 3.24
C ILE B 159 -2.36 1.27 2.78
N LEU B 160 -3.52 1.55 3.37
CA LEU B 160 -4.76 0.85 3.06
C LEU B 160 -4.68 -0.66 3.27
N CYS B 161 -4.06 -1.07 4.38
CA CYS B 161 -3.89 -2.48 4.74
C CYS B 161 -5.18 -3.06 5.35
N ALA B 162 -6.01 -2.19 5.90
CA ALA B 162 -7.29 -2.57 6.48
C ALA B 162 -7.23 -3.19 7.88
N CYS B 163 -6.07 -3.09 8.52
CA CYS B 163 -5.89 -3.62 9.85
C CYS B 163 -6.85 -2.88 10.80
N CYS B 164 -6.86 -1.55 10.72
CA CYS B 164 -7.70 -0.74 11.57
C CYS B 164 -9.18 -1.10 11.46
N SER B 165 -9.75 -0.85 10.28
CA SER B 165 -11.17 -1.11 10.07
C SER B 165 -11.56 -2.50 10.49
N THR B 166 -10.71 -3.46 10.15
CA THR B 166 -10.98 -4.85 10.43
C THR B 166 -10.76 -5.22 11.90
N SER B 167 -10.50 -4.20 12.71
CA SER B 167 -10.30 -4.41 14.15
C SER B 167 -11.39 -3.68 14.89
N CYS B 168 -12.20 -2.90 14.16
CA CYS B 168 -13.28 -2.13 14.76
C CYS B 168 -14.58 -2.93 14.94
N PRO B 169 -15.06 -3.06 16.19
CA PRO B 169 -16.29 -3.81 16.46
C PRO B 169 -17.49 -3.24 15.69
N SER B 170 -17.49 -1.93 15.48
CA SER B 170 -18.58 -1.29 14.74
C SER B 170 -18.53 -1.70 13.27
N TYR B 171 -17.33 -1.83 12.75
CA TYR B 171 -17.15 -2.27 11.37
C TYR B 171 -17.50 -3.76 11.30
N TRP B 172 -17.27 -4.49 12.40
CA TRP B 172 -17.59 -5.91 12.43
C TRP B 172 -19.10 -6.14 12.30
N TRP B 173 -19.89 -5.30 12.97
CA TRP B 173 -21.34 -5.42 12.98
C TRP B 173 -22.04 -4.68 11.86
N ASN B 174 -21.46 -3.58 11.41
CA ASN B 174 -22.09 -2.78 10.36
C ASN B 174 -21.12 -2.36 9.27
N GLY B 175 -20.25 -3.28 8.87
CA GLY B 175 -19.29 -2.97 7.84
C GLY B 175 -19.92 -2.66 6.50
N ASP B 176 -21.19 -3.00 6.33
CA ASP B 176 -21.88 -2.75 5.08
C ASP B 176 -22.24 -1.28 4.91
N LYS B 177 -22.63 -0.62 6.00
CA LYS B 177 -22.99 0.80 5.90
C LYS B 177 -22.01 1.74 6.62
N TYR B 178 -21.27 1.21 7.59
CA TYR B 178 -20.30 2.01 8.33
C TYR B 178 -18.98 2.01 7.55
N LEU B 179 -18.52 3.19 7.14
CA LEU B 179 -17.30 3.32 6.34
C LEU B 179 -16.04 2.78 6.96
N GLY B 180 -15.96 2.80 8.29
CA GLY B 180 -14.77 2.29 8.97
C GLY B 180 -13.70 3.37 9.10
N PRO B 181 -12.72 3.19 10.00
CA PRO B 181 -11.59 4.09 10.31
C PRO B 181 -10.73 4.45 9.10
N ALA B 182 -10.24 3.43 8.42
CA ALA B 182 -9.40 3.64 7.23
C ALA B 182 -10.01 4.64 6.25
N VAL B 183 -11.23 4.38 5.80
CA VAL B 183 -11.85 5.29 4.87
C VAL B 183 -12.12 6.63 5.51
N LEU B 184 -12.67 6.62 6.71
CA LEU B 184 -12.96 7.87 7.39
C LEU B 184 -11.72 8.75 7.45
N MET B 185 -10.58 8.17 7.80
CA MET B 185 -9.38 8.99 7.87
C MET B 185 -8.95 9.57 6.52
N GLN B 186 -9.13 8.83 5.44
CA GLN B 186 -8.74 9.39 4.15
C GLN B 186 -9.71 10.51 3.77
N ALA B 187 -10.97 10.38 4.18
CA ALA B 187 -11.94 11.41 3.88
C ALA B 187 -11.47 12.67 4.62
N TYR B 188 -10.93 12.48 5.81
CA TYR B 188 -10.43 13.62 6.57
C TYR B 188 -9.21 14.18 5.85
N ARG B 189 -8.40 13.30 5.27
CA ARG B 189 -7.20 13.69 4.54
C ARG B 189 -7.58 14.67 3.45
N TRP B 190 -8.71 14.41 2.81
CA TRP B 190 -9.16 15.27 1.74
C TRP B 190 -9.90 16.51 2.25
N MET B 191 -10.56 16.36 3.39
CA MET B 191 -11.27 17.48 3.97
C MET B 191 -10.31 18.61 4.33
N ILE B 192 -9.17 18.30 4.94
CA ILE B 192 -8.26 19.37 5.31
C ILE B 192 -7.14 19.70 4.35
N ASP B 193 -7.27 19.31 3.09
CA ASP B 193 -6.23 19.67 2.13
C ASP B 193 -6.60 21.05 1.60
N SER B 194 -5.77 22.03 1.93
CA SER B 194 -6.00 23.42 1.53
C SER B 194 -6.35 23.59 0.05
N ARG B 195 -5.88 22.67 -0.81
CA ARG B 195 -6.14 22.75 -2.26
C ARG B 195 -7.51 22.24 -2.72
N ASP B 196 -8.18 21.43 -1.90
CA ASP B 196 -9.49 20.89 -2.24
C ASP B 196 -10.55 21.97 -1.99
N ASP B 197 -11.58 22.01 -2.83
CA ASP B 197 -12.64 23.01 -2.70
C ASP B 197 -14.00 22.42 -2.34
N PHE B 198 -14.04 21.15 -1.97
CA PHE B 198 -15.30 20.49 -1.63
C PHE B 198 -15.48 20.00 -0.20
N THR B 199 -14.81 20.66 0.74
CA THR B 199 -14.91 20.29 2.14
C THR B 199 -16.36 20.11 2.59
N GLU B 200 -17.16 21.15 2.36
CA GLU B 200 -18.56 21.15 2.75
C GLU B 200 -19.35 19.98 2.19
N GLU B 201 -19.14 19.65 0.92
CA GLU B 201 -19.89 18.53 0.35
C GLU B 201 -19.33 17.18 0.80
N ARG B 202 -18.05 17.15 1.17
CA ARG B 202 -17.45 15.91 1.66
C ARG B 202 -18.06 15.57 3.04
N LEU B 203 -18.33 16.59 3.85
CA LEU B 203 -18.93 16.40 5.18
C LEU B 203 -20.40 16.02 5.01
N ALA B 204 -21.09 16.71 4.12
CA ALA B 204 -22.50 16.43 3.86
C ALA B 204 -22.73 14.95 3.50
N LYS B 205 -21.75 14.34 2.85
CA LYS B 205 -21.86 12.94 2.46
C LYS B 205 -21.96 12.02 3.66
N LEU B 206 -21.55 12.53 4.83
CA LEU B 206 -21.58 11.72 6.04
C LEU B 206 -22.81 12.00 6.91
N GLN B 207 -23.76 12.75 6.36
CA GLN B 207 -24.98 13.07 7.09
C GLN B 207 -26.03 11.97 7.03
N ASP B 208 -25.79 10.91 7.79
CA ASP B 208 -26.72 9.80 7.90
C ASP B 208 -26.30 9.12 9.17
N PRO B 209 -27.05 8.11 9.62
CA PRO B 209 -26.62 7.48 10.87
C PRO B 209 -25.52 6.42 10.85
N PHE B 210 -25.10 5.98 9.66
CA PHE B 210 -24.10 4.91 9.57
C PHE B 210 -22.66 5.22 9.15
N SER B 211 -22.51 5.92 8.02
CA SER B 211 -21.19 6.22 7.45
C SER B 211 -20.10 6.58 8.46
N LEU B 212 -20.41 7.55 9.33
CA LEU B 212 -19.48 8.03 10.33
C LEU B 212 -19.89 7.67 11.76
N TYR B 213 -21.13 7.99 12.10
CA TYR B 213 -21.65 7.78 13.43
C TYR B 213 -21.74 6.40 14.08
N ARG B 214 -21.25 5.35 13.42
CA ARG B 214 -21.28 4.06 14.09
C ARG B 214 -20.04 3.98 14.99
N CYS B 215 -19.14 4.95 14.81
CA CYS B 215 -17.93 5.02 15.60
C CYS B 215 -18.30 5.48 16.99
N HIS B 216 -17.98 4.65 17.98
CA HIS B 216 -18.25 4.94 19.38
C HIS B 216 -16.96 5.19 20.16
N THR B 217 -15.93 5.58 19.41
CA THR B 217 -14.63 5.90 19.98
C THR B 217 -13.99 4.74 20.78
N ILE B 218 -14.10 3.51 20.27
CA ILE B 218 -13.53 2.33 20.91
C ILE B 218 -11.99 2.37 20.91
N MET B 219 -11.42 2.96 19.86
CA MET B 219 -9.97 3.13 19.69
C MET B 219 -9.08 1.95 19.34
N ASN B 220 -9.65 0.81 18.97
CA ASN B 220 -8.84 -0.35 18.56
C ASN B 220 -8.06 -0.02 17.29
N CYS B 221 -8.68 0.72 16.38
CA CYS B 221 -8.08 1.09 15.11
C CYS B 221 -6.71 1.70 15.35
N THR B 222 -6.68 2.76 16.15
CA THR B 222 -5.44 3.42 16.46
C THR B 222 -4.52 2.48 17.24
N GLY B 223 -5.09 1.66 18.11
CA GLY B 223 -4.26 0.74 18.86
C GLY B 223 -3.69 -0.39 18.01
N THR B 224 -3.94 -0.41 16.71
CA THR B 224 -3.42 -1.52 15.91
C THR B 224 -2.75 -1.15 14.61
N CYS B 225 -2.74 0.12 14.28
CA CYS B 225 -2.15 0.56 13.02
C CYS B 225 -0.68 0.19 12.92
N PRO B 226 -0.31 -0.61 11.90
CA PRO B 226 1.08 -1.03 11.67
C PRO B 226 1.96 0.16 11.39
N LYS B 227 1.35 1.29 11.08
CA LYS B 227 2.11 2.49 10.72
C LYS B 227 2.05 3.59 11.77
N GLY B 228 1.53 3.25 12.95
CA GLY B 228 1.45 4.23 14.02
C GLY B 228 0.59 5.44 13.73
N LEU B 229 -0.43 5.30 12.89
CA LEU B 229 -1.31 6.41 12.57
C LEU B 229 -2.48 6.46 13.55
N ASN B 230 -3.31 7.50 13.45
CA ASN B 230 -4.42 7.62 14.39
C ASN B 230 -5.79 7.88 13.77
N PRO B 231 -6.43 6.82 13.26
CA PRO B 231 -7.76 6.96 12.66
C PRO B 231 -8.73 7.61 13.64
N GLY B 232 -8.91 6.98 14.79
CA GLY B 232 -9.81 7.51 15.80
C GLY B 232 -9.67 9.00 16.06
N LYS B 233 -8.44 9.46 16.22
CA LYS B 233 -8.20 10.89 16.47
C LYS B 233 -8.72 11.69 15.29
N ALA B 234 -8.70 11.09 14.10
CA ALA B 234 -9.18 11.75 12.89
C ALA B 234 -10.71 11.67 12.81
N ILE B 235 -11.28 10.54 13.22
CA ILE B 235 -12.74 10.41 13.21
C ILE B 235 -13.32 11.52 14.08
N ALA B 236 -12.65 11.80 15.19
CA ALA B 236 -13.14 12.83 16.12
C ALA B 236 -13.04 14.24 15.53
N GLU B 237 -12.02 14.45 14.71
CA GLU B 237 -11.87 15.76 14.08
C GLU B 237 -13.01 15.95 13.10
N ILE B 238 -13.36 14.90 12.36
CA ILE B 238 -14.47 14.95 11.41
C ILE B 238 -15.77 15.29 12.15
N LYS B 239 -15.99 14.59 13.26
CA LYS B 239 -17.17 14.81 14.06
C LYS B 239 -17.29 16.29 14.46
N LYS B 240 -16.19 16.89 14.90
CA LYS B 240 -16.24 18.29 15.29
C LYS B 240 -16.57 19.15 14.08
N MET B 241 -15.96 18.85 12.94
CA MET B 241 -16.25 19.61 11.73
C MET B 241 -17.73 19.43 11.36
N MET B 242 -18.21 18.20 11.46
CA MET B 242 -19.59 17.89 11.14
C MET B 242 -20.61 18.70 11.94
N ALA B 243 -20.27 19.04 13.18
CA ALA B 243 -21.20 19.77 14.01
C ALA B 243 -20.97 21.28 14.03
N THR B 244 -20.06 21.78 13.20
CA THR B 244 -19.78 23.20 13.19
C THR B 244 -19.63 23.85 11.81
N TYR B 245 -19.78 23.09 10.74
CA TYR B 245 -19.68 23.69 9.40
C TYR B 245 -21.03 24.32 9.08
N LYS B 246 -21.04 25.31 8.18
CA LYS B 246 -22.27 26.01 7.83
C LYS B 246 -22.85 25.73 6.45
N GLU B 247 -24.18 25.70 6.38
CA GLU B 247 -24.94 25.47 5.14
C GLU B 247 -25.20 24.00 4.80
N THR C 3 -18.09 0.60 -13.71
CA THR C 3 -18.81 0.16 -12.47
C THR C 3 -18.62 1.17 -11.33
N THR C 4 -19.68 1.50 -10.61
CA THR C 4 -19.57 2.47 -9.53
C THR C 4 -19.36 1.88 -8.13
N ALA C 5 -19.08 2.75 -7.17
CA ALA C 5 -18.86 2.36 -5.79
C ALA C 5 -20.04 1.57 -5.26
N LYS C 6 -21.24 2.06 -5.58
CA LYS C 6 -22.46 1.41 -5.13
C LYS C 6 -22.64 0.04 -5.78
N GLU C 7 -22.48 -0.03 -7.10
CA GLU C 7 -22.62 -1.31 -7.78
C GLU C 7 -21.58 -2.28 -7.25
N GLU C 8 -20.40 -1.78 -6.92
CA GLU C 8 -19.37 -2.65 -6.40
C GLU C 8 -19.82 -3.23 -5.07
N MET C 9 -20.46 -2.41 -4.24
CA MET C 9 -20.93 -2.90 -2.95
C MET C 9 -22.03 -3.95 -3.15
N GLU C 10 -22.96 -3.67 -4.06
CA GLU C 10 -24.04 -4.62 -4.35
C GLU C 10 -23.43 -5.95 -4.81
N ARG C 11 -22.45 -5.89 -5.72
CA ARG C 11 -21.80 -7.09 -6.21
C ARG C 11 -21.15 -7.89 -5.08
N PHE C 12 -20.52 -7.17 -4.15
CA PHE C 12 -19.84 -7.80 -3.00
C PHE C 12 -20.77 -8.67 -2.17
N TRP C 13 -21.91 -8.10 -1.81
CA TRP C 13 -22.86 -8.83 -0.99
C TRP C 13 -23.53 -9.97 -1.73
N ASN C 14 -23.88 -9.75 -2.98
CA ASN C 14 -24.52 -10.79 -3.78
C ASN C 14 -23.62 -11.99 -3.95
N LYS C 15 -22.32 -11.72 -4.01
CA LYS C 15 -21.34 -12.78 -4.19
C LYS C 15 -21.07 -13.59 -2.93
N ASN C 16 -20.90 -12.91 -1.80
CA ASN C 16 -20.58 -13.59 -0.56
C ASN C 16 -21.75 -14.27 0.15
N LEU C 17 -22.89 -13.58 0.25
CA LEU C 17 -24.05 -14.16 0.93
C LEU C 17 -24.43 -15.47 0.24
N GLY C 18 -24.37 -15.48 -1.09
CA GLY C 18 -24.68 -16.68 -1.83
C GLY C 18 -23.44 -17.48 -2.12
N SER C 19 -22.83 -18.05 -1.07
CA SER C 19 -21.60 -18.84 -1.22
C SER C 19 -21.28 -19.63 0.04
N ASN C 20 -20.30 -20.51 -0.06
CA ASN C 20 -19.89 -21.30 1.09
C ASN C 20 -18.67 -20.68 1.76
N ARG C 21 -18.52 -19.37 1.60
CA ARG C 21 -17.41 -18.65 2.21
C ARG C 21 -17.67 -18.43 3.68
N PRO C 22 -16.70 -18.78 4.55
CA PRO C 22 -16.85 -18.59 5.99
C PRO C 22 -16.35 -17.22 6.46
N LEU C 23 -16.91 -16.74 7.58
CA LEU C 23 -16.48 -15.48 8.16
C LEU C 23 -15.31 -15.77 9.10
N SER C 24 -14.19 -15.09 8.91
CA SER C 24 -13.04 -15.30 9.79
C SER C 24 -13.44 -14.91 11.21
N PRO C 25 -12.94 -15.63 12.22
CA PRO C 25 -13.28 -15.31 13.61
C PRO C 25 -12.86 -13.90 14.01
N HIS C 26 -13.54 -13.37 15.03
CA HIS C 26 -13.28 -12.02 15.54
C HIS C 26 -13.13 -11.96 17.07
N ILE C 27 -14.23 -11.72 17.76
CA ILE C 27 -14.19 -11.62 19.23
C ILE C 27 -13.56 -12.83 19.90
N THR C 28 -13.63 -13.99 19.24
CA THR C 28 -13.07 -15.22 19.76
C THR C 28 -11.55 -15.25 19.68
N ILE C 29 -10.98 -14.41 18.82
CA ILE C 29 -9.54 -14.39 18.67
C ILE C 29 -8.85 -13.05 18.94
N TYR C 30 -9.58 -11.95 18.81
CA TYR C 30 -8.96 -10.66 19.04
C TYR C 30 -8.54 -10.46 20.49
N ARG C 31 -7.34 -9.91 20.66
CA ARG C 31 -6.76 -9.66 21.97
C ARG C 31 -7.49 -8.55 22.73
N TRP C 32 -7.97 -8.87 23.91
CA TRP C 32 -8.68 -7.92 24.76
C TRP C 32 -7.74 -6.85 25.28
N SER C 33 -8.23 -5.62 25.35
CA SER C 33 -7.44 -4.51 25.85
C SER C 33 -8.27 -3.74 26.88
N LEU C 34 -7.62 -3.02 27.78
CA LEU C 34 -8.36 -2.29 28.79
C LEU C 34 -9.42 -1.42 28.11
N PRO C 35 -9.02 -0.58 27.14
CA PRO C 35 -9.96 0.30 26.43
C PRO C 35 -11.16 -0.43 25.84
N MET C 36 -10.90 -1.57 25.22
CA MET C 36 -11.96 -2.35 24.61
C MET C 36 -12.90 -2.85 25.70
N ALA C 37 -12.32 -3.26 26.83
CA ALA C 37 -13.11 -3.76 27.93
C ALA C 37 -13.95 -2.64 28.55
N MET C 38 -13.32 -1.50 28.76
CA MET C 38 -13.99 -0.34 29.34
C MET C 38 -15.07 0.20 28.42
N SER C 39 -14.96 -0.12 27.13
CA SER C 39 -15.93 0.32 26.14
C SER C 39 -17.19 -0.52 26.32
N ILE C 40 -17.00 -1.82 26.51
CA ILE C 40 -18.10 -2.73 26.74
C ILE C 40 -18.88 -2.33 27.98
N CYS C 41 -18.16 -2.16 29.10
CA CYS C 41 -18.78 -1.79 30.36
C CYS C 41 -19.59 -0.51 30.27
N HIS C 42 -19.14 0.46 29.47
CA HIS C 42 -19.90 1.68 29.36
C HIS C 42 -21.31 1.37 28.87
N ARG C 43 -21.39 0.52 27.85
CA ARG C 43 -22.69 0.11 27.32
C ARG C 43 -23.44 -0.62 28.41
N GLY C 44 -22.92 -1.79 28.78
CA GLY C 44 -23.56 -2.57 29.83
C GLY C 44 -24.14 -1.71 30.95
N THR C 45 -23.32 -0.82 31.51
CA THR C 45 -23.80 0.01 32.60
C THR C 45 -24.89 0.97 32.12
N GLY C 46 -24.68 1.59 30.98
CA GLY C 46 -25.70 2.49 30.47
C GLY C 46 -27.02 1.73 30.32
N ILE C 47 -26.93 0.50 29.82
CA ILE C 47 -28.10 -0.34 29.63
C ILE C 47 -28.73 -0.67 30.99
N ALA C 48 -27.93 -1.22 31.90
CA ALA C 48 -28.43 -1.58 33.23
C ALA C 48 -29.03 -0.37 33.95
N LEU C 49 -28.35 0.77 33.80
CA LEU C 49 -28.78 2.01 34.42
C LEU C 49 -30.13 2.47 33.89
N SER C 50 -30.33 2.37 32.57
CA SER C 50 -31.60 2.75 31.97
C SER C 50 -32.69 1.78 32.43
N ALA C 51 -32.35 0.50 32.47
CA ALA C 51 -33.32 -0.49 32.90
C ALA C 51 -33.82 -0.12 34.29
N GLY C 52 -32.89 0.21 35.18
CA GLY C 52 -33.27 0.58 36.54
C GLY C 52 -34.25 1.74 36.56
N VAL C 53 -33.88 2.84 35.91
CA VAL C 53 -34.73 4.03 35.85
C VAL C 53 -36.11 3.73 35.28
N SER C 54 -36.18 2.84 34.28
CA SER C 54 -37.47 2.50 33.70
C SER C 54 -38.27 1.70 34.70
N LEU C 55 -37.60 0.80 35.40
CA LEU C 55 -38.26 -0.02 36.40
C LEU C 55 -38.82 0.84 37.52
N PHE C 56 -38.14 1.95 37.81
CA PHE C 56 -38.60 2.84 38.86
C PHE C 56 -39.83 3.63 38.40
N GLY C 57 -39.83 4.05 37.14
CA GLY C 57 -40.94 4.80 36.62
C GLY C 57 -42.18 3.98 36.28
N LEU C 58 -41.99 2.78 35.76
CA LEU C 58 -43.11 1.91 35.42
C LEU C 58 -43.75 1.41 36.70
N SER C 59 -42.91 1.07 37.67
CA SER C 59 -43.39 0.59 38.94
C SER C 59 -44.25 1.68 39.56
N ALA C 60 -43.83 2.92 39.39
CA ALA C 60 -44.56 4.07 39.92
C ALA C 60 -45.95 4.22 39.28
N LEU C 61 -46.16 3.55 38.14
CA LEU C 61 -47.44 3.64 37.45
C LEU C 61 -48.34 2.43 37.60
N LEU C 62 -47.75 1.26 37.81
CA LEU C 62 -48.55 0.04 37.91
C LEU C 62 -48.74 -0.46 39.34
N LEU C 63 -47.65 -0.51 40.09
CA LEU C 63 -47.71 -0.99 41.46
C LEU C 63 -48.45 -0.04 42.39
N PRO C 64 -49.09 -0.60 43.43
CA PRO C 64 -49.85 0.17 44.42
C PRO C 64 -48.97 0.66 45.56
N GLY C 65 -49.52 1.58 46.35
CA GLY C 65 -48.79 2.10 47.49
C GLY C 65 -47.80 3.18 47.11
N ASN C 66 -47.43 4.00 48.09
CA ASN C 66 -46.47 5.07 47.86
C ASN C 66 -45.07 4.55 48.11
N PHE C 67 -44.07 5.38 47.82
CA PHE C 67 -42.68 4.98 48.01
C PHE C 67 -42.45 4.48 49.43
N GLU C 68 -43.05 5.18 50.40
CA GLU C 68 -42.90 4.81 51.80
C GLU C 68 -43.47 3.42 52.09
N SER C 69 -44.63 3.11 51.54
CA SER C 69 -45.24 1.81 51.74
C SER C 69 -44.23 0.75 51.31
N HIS C 70 -43.44 1.10 50.30
CA HIS C 70 -42.42 0.22 49.74
C HIS C 70 -41.16 0.16 50.61
N LEU C 71 -40.73 1.30 51.14
CA LEU C 71 -39.55 1.34 52.00
C LEU C 71 -39.79 0.57 53.28
N GLU C 72 -40.77 1.03 54.08
CA GLU C 72 -41.10 0.37 55.33
C GLU C 72 -41.22 -1.12 55.05
N LEU C 73 -41.69 -1.44 53.85
CA LEU C 73 -41.84 -2.82 53.42
C LEU C 73 -40.49 -3.54 53.43
N VAL C 74 -39.42 -2.79 53.17
CA VAL C 74 -38.09 -3.37 53.16
C VAL C 74 -37.44 -3.30 54.53
N LYS C 75 -37.68 -2.22 55.27
CA LYS C 75 -37.12 -2.07 56.62
C LYS C 75 -37.45 -3.31 57.43
N SER C 76 -38.69 -3.79 57.30
CA SER C 76 -39.12 -4.99 57.99
C SER C 76 -38.88 -6.17 57.06
N LEU C 77 -37.60 -6.45 56.83
CA LEU C 77 -37.17 -7.52 55.97
C LEU C 77 -35.79 -7.93 56.45
N CYS C 78 -35.62 -7.93 57.78
CA CYS C 78 -34.38 -8.31 58.45
C CYS C 78 -33.07 -7.70 57.90
N LEU C 79 -33.20 -6.66 57.08
CA LEU C 79 -32.06 -5.97 56.48
C LEU C 79 -30.72 -6.03 57.22
N GLY C 80 -29.83 -6.91 56.76
CA GLY C 80 -28.52 -7.02 57.39
C GLY C 80 -27.62 -5.87 56.96
N PRO C 81 -27.05 -5.09 57.90
CA PRO C 81 -26.17 -3.96 57.58
C PRO C 81 -25.13 -4.29 56.51
N THR C 82 -24.52 -5.48 56.61
CA THR C 82 -23.52 -5.90 55.64
C THR C 82 -24.27 -6.49 54.45
N LEU C 83 -25.27 -5.75 54.01
CA LEU C 83 -26.10 -6.16 52.88
C LEU C 83 -26.76 -4.90 52.39
N ILE C 84 -27.16 -4.04 53.31
CA ILE C 84 -27.79 -2.79 52.94
C ILE C 84 -26.69 -1.99 52.26
N TYR C 85 -25.46 -2.16 52.73
CA TYR C 85 -24.31 -1.47 52.16
C TYR C 85 -23.93 -2.11 50.83
N THR C 86 -24.04 -3.43 50.76
CA THR C 86 -23.73 -4.16 49.53
C THR C 86 -24.66 -3.67 48.43
N ALA C 87 -25.95 -3.79 48.66
CA ALA C 87 -26.95 -3.37 47.68
C ALA C 87 -26.75 -1.89 47.34
N LYS C 88 -26.40 -1.09 48.34
CA LYS C 88 -26.20 0.33 48.09
C LYS C 88 -25.00 0.59 47.20
N PHE C 89 -23.99 -0.28 47.30
CA PHE C 89 -22.76 -0.18 46.52
C PHE C 89 -23.04 -0.61 45.07
N GLY C 90 -23.71 -1.76 44.93
CA GLY C 90 -24.05 -2.27 43.61
C GLY C 90 -24.79 -1.26 42.76
N ILE C 91 -25.51 -0.35 43.39
CA ILE C 91 -26.24 0.66 42.65
C ILE C 91 -25.33 1.83 42.33
N VAL C 92 -24.46 2.17 43.26
CA VAL C 92 -23.54 3.27 43.07
C VAL C 92 -22.42 2.93 42.09
N PHE C 93 -22.03 1.65 42.05
CA PHE C 93 -20.94 1.24 41.19
C PHE C 93 -21.15 1.55 39.71
N PRO C 94 -22.16 0.93 39.06
CA PRO C 94 -22.40 1.19 37.64
C PRO C 94 -22.68 2.65 37.31
N LEU C 95 -23.37 3.35 38.22
CA LEU C 95 -23.68 4.76 37.98
C LEU C 95 -22.39 5.59 37.93
N MET C 96 -21.53 5.40 38.92
CA MET C 96 -20.26 6.12 38.98
C MET C 96 -19.35 5.78 37.80
N TYR C 97 -19.16 4.48 37.54
CA TYR C 97 -18.34 4.04 36.42
C TYR C 97 -18.81 4.74 35.14
N HIS C 98 -20.09 4.59 34.82
CA HIS C 98 -20.67 5.20 33.63
C HIS C 98 -20.50 6.72 33.68
N THR C 99 -20.64 7.31 34.87
CA THR C 99 -20.47 8.75 35.00
C THR C 99 -19.07 9.24 34.65
N TRP C 100 -18.06 8.64 35.29
CA TRP C 100 -16.67 9.05 35.04
C TRP C 100 -16.23 8.74 33.61
N ASN C 101 -16.53 7.52 33.14
CA ASN C 101 -16.17 7.15 31.79
C ASN C 101 -16.88 8.09 30.81
N GLY C 102 -18.09 8.50 31.16
CA GLY C 102 -18.83 9.41 30.31
C GLY C 102 -18.10 10.74 30.18
N ILE C 103 -17.54 11.22 31.30
CA ILE C 103 -16.80 12.47 31.27
C ILE C 103 -15.62 12.27 30.32
N ARG C 104 -15.00 11.10 30.41
CA ARG C 104 -13.88 10.79 29.55
C ARG C 104 -14.35 10.87 28.10
N HIS C 105 -15.49 10.23 27.82
CA HIS C 105 -16.05 10.24 26.49
C HIS C 105 -16.24 11.66 25.99
N LEU C 106 -16.76 12.53 26.86
CA LEU C 106 -16.97 13.91 26.45
C LEU C 106 -15.67 14.60 26.08
N ILE C 107 -14.62 14.38 26.88
CA ILE C 107 -13.32 14.98 26.63
C ILE C 107 -12.81 14.56 25.26
N TRP C 108 -13.02 13.29 24.92
CA TRP C 108 -12.62 12.77 23.63
C TRP C 108 -13.32 13.50 22.49
N ASP C 109 -14.60 13.80 22.68
CA ASP C 109 -15.36 14.51 21.66
C ASP C 109 -14.76 15.88 21.41
N LEU C 110 -14.05 16.42 22.40
CA LEU C 110 -13.40 17.70 22.24
C LEU C 110 -12.12 17.43 21.44
N GLY C 111 -11.83 16.14 21.25
CA GLY C 111 -10.66 15.73 20.50
C GLY C 111 -9.39 15.64 21.32
N LYS C 112 -9.52 15.55 22.64
CA LYS C 112 -8.36 15.48 23.50
C LYS C 112 -8.15 14.08 24.05
N GLY C 113 -6.91 13.78 24.41
CA GLY C 113 -6.57 12.49 24.98
C GLY C 113 -6.72 11.26 24.10
N LEU C 114 -6.77 11.45 22.78
CA LEU C 114 -6.91 10.30 21.89
C LEU C 114 -5.57 9.78 21.38
N THR C 115 -4.80 9.19 22.28
CA THR C 115 -3.51 8.60 21.93
C THR C 115 -3.41 7.36 22.78
N ILE C 116 -2.71 6.33 22.32
CA ILE C 116 -2.63 5.13 23.11
C ILE C 116 -2.11 5.44 24.51
N PRO C 117 -0.98 6.15 24.61
CA PRO C 117 -0.46 6.47 25.94
C PRO C 117 -1.50 7.17 26.82
N GLN C 118 -2.04 8.29 26.34
CA GLN C 118 -3.05 9.03 27.10
C GLN C 118 -4.25 8.18 27.42
N LEU C 119 -4.56 7.24 26.53
CA LEU C 119 -5.71 6.38 26.70
C LEU C 119 -5.64 5.52 27.94
N THR C 120 -4.54 4.80 28.11
CA THR C 120 -4.39 3.93 29.26
C THR C 120 -4.41 4.72 30.57
N GLN C 121 -3.75 5.87 30.59
CA GLN C 121 -3.74 6.69 31.79
C GLN C 121 -5.16 7.00 32.25
N SER C 122 -5.93 7.65 31.38
CA SER C 122 -7.33 8.00 31.68
C SER C 122 -8.16 6.80 32.12
N GLY C 123 -7.94 5.66 31.47
CA GLY C 123 -8.67 4.46 31.84
C GLY C 123 -8.41 4.10 33.28
N VAL C 124 -7.13 4.09 33.68
CA VAL C 124 -6.76 3.78 35.05
C VAL C 124 -7.42 4.81 35.97
N VAL C 125 -7.25 6.09 35.65
CA VAL C 125 -7.86 7.15 36.45
C VAL C 125 -9.36 6.89 36.62
N VAL C 126 -10.09 6.83 35.51
CA VAL C 126 -11.53 6.59 35.55
C VAL C 126 -11.88 5.40 36.43
N LEU C 127 -11.05 4.36 36.36
CA LEU C 127 -11.28 3.16 37.16
C LEU C 127 -11.11 3.46 38.68
N ILE C 128 -10.09 4.24 39.02
CA ILE C 128 -9.80 4.61 40.40
C ILE C 128 -10.90 5.49 40.95
N LEU C 129 -11.27 6.51 40.19
CA LEU C 129 -12.32 7.41 40.61
C LEU C 129 -13.62 6.66 40.87
N THR C 130 -13.87 5.63 40.06
CA THR C 130 -15.07 4.82 40.19
C THR C 130 -15.09 4.24 41.60
N VAL C 131 -14.11 3.39 41.90
CA VAL C 131 -13.99 2.76 43.22
C VAL C 131 -14.14 3.77 44.36
N LEU C 132 -13.35 4.85 44.31
CA LEU C 132 -13.41 5.88 45.35
C LEU C 132 -14.80 6.43 45.57
N SER C 133 -15.39 6.99 44.51
CA SER C 133 -16.72 7.57 44.59
C SER C 133 -17.80 6.55 44.97
N SER C 134 -17.57 5.27 44.66
CA SER C 134 -18.54 4.24 45.00
C SER C 134 -18.53 3.95 46.50
N VAL C 135 -17.38 3.55 47.02
CA VAL C 135 -17.25 3.28 48.44
C VAL C 135 -17.64 4.56 49.18
N GLY C 136 -17.22 5.69 48.63
CA GLY C 136 -17.53 6.98 49.24
C GLY C 136 -19.03 7.14 49.41
N LEU C 137 -19.76 7.05 48.31
CA LEU C 137 -21.21 7.19 48.33
C LEU C 137 -21.95 6.11 49.11
N ALA C 138 -21.42 4.90 49.13
CA ALA C 138 -22.08 3.82 49.86
C ALA C 138 -22.06 4.06 51.37
N ALA C 139 -21.49 5.19 51.76
CA ALA C 139 -21.40 5.56 53.17
C ALA C 139 -21.83 7.02 53.37
N MET C 140 -22.81 7.46 52.61
CA MET C 140 -23.30 8.81 52.71
C MET C 140 -24.76 8.83 53.18
N SER D 2 -27.74 20.43 2.23
CA SER D 2 -28.91 19.62 2.70
C SER D 2 -29.01 19.65 4.24
N SER D 3 -30.01 18.97 4.78
CA SER D 3 -30.21 18.95 6.23
C SER D 3 -29.07 18.22 6.93
N LYS D 4 -28.70 18.71 8.10
CA LYS D 4 -27.64 18.13 8.89
C LYS D 4 -28.22 17.42 10.12
N ALA D 5 -29.19 16.56 9.88
CA ALA D 5 -29.86 15.82 10.95
C ALA D 5 -28.93 14.96 11.80
N ALA D 6 -28.14 14.10 11.17
CA ALA D 6 -27.25 13.22 11.90
C ALA D 6 -26.31 13.99 12.81
N SER D 7 -25.70 15.05 12.28
CA SER D 7 -24.78 15.84 13.07
C SER D 7 -25.46 16.54 14.24
N LEU D 8 -26.66 17.08 14.02
CA LEU D 8 -27.37 17.79 15.08
C LEU D 8 -27.76 16.85 16.20
N HIS D 9 -28.21 15.64 15.85
CA HIS D 9 -28.58 14.65 16.86
C HIS D 9 -27.36 14.32 17.70
N TRP D 10 -26.22 14.16 17.05
CA TRP D 10 -24.98 13.85 17.74
C TRP D 10 -24.69 14.90 18.82
N THR D 11 -24.76 16.18 18.43
CA THR D 11 -24.53 17.28 19.37
C THR D 11 -25.61 17.28 20.44
N GLY D 12 -26.86 17.04 20.04
CA GLY D 12 -27.94 17.02 21.00
C GLY D 12 -27.58 16.12 22.17
N GLU D 13 -27.12 14.90 21.83
CA GLU D 13 -26.73 13.91 22.83
C GLU D 13 -25.69 14.45 23.78
N ARG D 14 -24.63 15.04 23.24
CA ARG D 14 -23.57 15.58 24.09
C ARG D 14 -24.18 16.59 25.07
N VAL D 15 -25.00 17.51 24.54
CA VAL D 15 -25.62 18.55 25.35
C VAL D 15 -26.37 18.01 26.56
N VAL D 16 -27.32 17.10 26.36
CA VAL D 16 -28.04 16.59 27.52
C VAL D 16 -27.08 15.74 28.35
N SER D 17 -25.98 15.32 27.74
CA SER D 17 -24.99 14.54 28.47
C SER D 17 -24.29 15.45 29.47
N VAL D 18 -23.99 16.69 29.07
CA VAL D 18 -23.36 17.61 30.02
C VAL D 18 -24.40 18.12 31.00
N LEU D 19 -25.65 18.23 30.54
CA LEU D 19 -26.75 18.69 31.38
C LEU D 19 -27.02 17.70 32.51
N LEU D 20 -27.15 16.43 32.15
CA LEU D 20 -27.40 15.39 33.13
C LEU D 20 -26.19 15.28 34.07
N LEU D 21 -25.06 15.82 33.62
CA LEU D 21 -23.83 15.82 34.42
C LEU D 21 -23.87 16.94 35.45
N GLY D 22 -24.47 18.06 35.07
CA GLY D 22 -24.57 19.17 36.00
C GLY D 22 -25.73 19.01 36.97
N LEU D 23 -26.71 18.18 36.61
CA LEU D 23 -27.88 17.97 37.44
C LEU D 23 -27.59 17.12 38.67
N LEU D 24 -26.91 16.00 38.50
CA LEU D 24 -26.60 15.15 39.65
C LEU D 24 -26.06 15.97 40.83
N PRO D 25 -25.03 16.80 40.59
CA PRO D 25 -24.52 17.59 41.71
C PRO D 25 -25.59 18.54 42.18
N ALA D 26 -26.13 19.32 41.23
CA ALA D 26 -27.18 20.30 41.51
C ALA D 26 -28.29 19.71 42.38
N ALA D 27 -28.73 18.51 42.04
CA ALA D 27 -29.79 17.85 42.78
C ALA D 27 -29.40 17.49 44.21
N TYR D 28 -28.09 17.44 44.48
CA TYR D 28 -27.63 17.12 45.82
C TYR D 28 -27.64 18.39 46.65
N LEU D 29 -26.97 19.41 46.14
CA LEU D 29 -26.88 20.69 46.83
C LEU D 29 -28.23 21.36 47.01
N ASN D 30 -29.13 21.17 46.06
CA ASN D 30 -30.43 21.81 46.14
C ASN D 30 -31.60 20.91 45.74
N PRO D 31 -32.02 20.01 46.64
CA PRO D 31 -33.15 19.13 46.29
C PRO D 31 -34.45 19.92 46.25
N CYS D 32 -35.21 19.77 45.18
CA CYS D 32 -36.48 20.47 45.07
C CYS D 32 -37.30 19.89 43.91
N SER D 33 -38.60 20.14 43.93
CA SER D 33 -39.49 19.62 42.91
C SER D 33 -39.03 19.96 41.49
N ALA D 34 -38.40 21.12 41.33
CA ALA D 34 -37.92 21.55 40.02
C ALA D 34 -36.85 20.57 39.53
N MET D 35 -35.86 20.35 40.39
CA MET D 35 -34.76 19.45 40.11
C MET D 35 -35.28 18.07 39.75
N ASP D 36 -36.27 17.59 40.51
CA ASP D 36 -36.84 16.27 40.25
C ASP D 36 -37.46 16.10 38.87
N TYR D 37 -37.92 17.19 38.26
CA TYR D 37 -38.53 17.12 36.93
C TYR D 37 -37.48 17.19 35.83
N SER D 38 -36.63 18.21 35.87
CA SER D 38 -35.59 18.32 34.87
C SER D 38 -34.72 17.06 34.93
N LEU D 39 -34.54 16.53 36.13
CA LEU D 39 -33.74 15.33 36.32
C LEU D 39 -34.44 14.15 35.66
N ALA D 40 -35.75 14.20 35.58
CA ALA D 40 -36.52 13.13 34.97
C ALA D 40 -36.50 13.30 33.45
N ALA D 41 -36.50 14.55 33.01
CA ALA D 41 -36.46 14.85 31.59
C ALA D 41 -35.15 14.34 31.00
N ALA D 42 -34.04 14.88 31.51
CA ALA D 42 -32.70 14.50 31.05
C ALA D 42 -32.39 13.02 31.22
N LEU D 43 -32.79 12.46 32.35
CA LEU D 43 -32.56 11.05 32.67
C LEU D 43 -33.24 10.13 31.65
N THR D 44 -34.44 10.48 31.24
CA THR D 44 -35.17 9.65 30.28
C THR D 44 -34.76 9.91 28.84
N LEU D 45 -34.55 11.17 28.51
CA LEU D 45 -34.14 11.53 27.16
C LEU D 45 -32.80 10.82 26.90
N HIS D 46 -31.77 11.24 27.63
CA HIS D 46 -30.44 10.66 27.50
C HIS D 46 -30.49 9.14 27.36
N GLY D 47 -31.35 8.51 28.15
CA GLY D 47 -31.45 7.05 28.09
C GLY D 47 -32.14 6.58 26.83
N HIS D 48 -33.07 7.38 26.33
CA HIS D 48 -33.79 7.02 25.14
C HIS D 48 -32.80 7.05 23.96
N TRP D 49 -32.07 8.15 23.82
CA TRP D 49 -31.07 8.26 22.76
C TRP D 49 -29.98 7.18 22.93
N GLY D 50 -29.67 6.84 24.18
CA GLY D 50 -28.66 5.82 24.44
C GLY D 50 -29.05 4.46 23.91
N ILE D 51 -30.20 3.95 24.35
CA ILE D 51 -30.64 2.64 23.87
C ILE D 51 -30.84 2.71 22.37
N GLY D 52 -31.19 3.90 21.88
CA GLY D 52 -31.37 4.10 20.46
C GLY D 52 -30.13 3.64 19.72
N GLN D 53 -28.97 4.12 20.16
CA GLN D 53 -27.69 3.76 19.55
C GLN D 53 -27.42 2.25 19.62
N VAL D 54 -27.77 1.64 20.74
CA VAL D 54 -27.55 0.22 20.90
C VAL D 54 -28.43 -0.54 19.92
N VAL D 55 -29.62 0.00 19.67
CA VAL D 55 -30.54 -0.62 18.76
C VAL D 55 -30.07 -0.53 17.32
N THR D 56 -29.79 0.67 16.85
CA THR D 56 -29.36 0.80 15.47
C THR D 56 -28.08 0.00 15.22
N ASP D 57 -27.33 -0.22 16.29
CA ASP D 57 -26.08 -0.98 16.23
C ASP D 57 -26.25 -2.48 16.07
N TYR D 58 -27.10 -3.08 16.91
CA TYR D 58 -27.33 -4.52 16.91
C TYR D 58 -28.53 -5.09 16.16
N VAL D 59 -29.56 -4.30 15.95
CA VAL D 59 -30.74 -4.83 15.27
C VAL D 59 -30.66 -4.64 13.76
N ARG D 60 -30.44 -5.76 13.04
CA ARG D 60 -30.31 -5.74 11.59
C ARG D 60 -31.64 -6.06 10.90
N GLY D 61 -32.05 -5.20 9.97
CA GLY D 61 -33.29 -5.43 9.25
C GLY D 61 -34.30 -4.32 9.41
N ASP D 62 -34.94 -3.95 8.29
CA ASP D 62 -35.97 -2.91 8.28
C ASP D 62 -37.06 -3.30 9.27
N ALA D 63 -37.59 -4.51 9.10
CA ALA D 63 -38.64 -5.02 9.98
C ALA D 63 -38.36 -4.69 11.45
N LEU D 64 -37.40 -5.42 12.01
CA LEU D 64 -37.01 -5.29 13.40
C LEU D 64 -36.63 -3.90 13.90
N GLN D 65 -35.64 -3.26 13.31
CA GLN D 65 -35.24 -1.94 13.80
C GLN D 65 -36.44 -1.00 13.94
N LYS D 66 -37.31 -1.00 12.94
CA LYS D 66 -38.49 -0.15 12.95
C LYS D 66 -39.35 -0.45 14.18
N ALA D 67 -39.55 -1.74 14.45
CA ALA D 67 -40.33 -2.16 15.60
C ALA D 67 -39.59 -1.75 16.85
N ALA D 68 -38.33 -2.21 16.95
CA ALA D 68 -37.47 -1.92 18.09
C ALA D 68 -37.53 -0.45 18.46
N LYS D 69 -37.32 0.41 17.48
CA LYS D 69 -37.37 1.84 17.73
C LYS D 69 -38.71 2.21 18.36
N ALA D 70 -39.78 1.60 17.85
CA ALA D 70 -41.14 1.84 18.32
C ALA D 70 -41.34 1.41 19.77
N GLY D 71 -40.94 0.20 20.08
CA GLY D 71 -41.06 -0.29 21.45
C GLY D 71 -40.20 0.53 22.39
N LEU D 72 -39.07 1.01 21.90
CA LEU D 72 -38.19 1.83 22.72
C LEU D 72 -38.89 3.13 23.09
N LEU D 73 -39.53 3.76 22.10
CA LEU D 73 -40.25 5.00 22.33
C LEU D 73 -41.33 4.83 23.41
N ALA D 74 -42.01 3.69 23.38
CA ALA D 74 -43.05 3.38 24.34
C ALA D 74 -42.43 3.42 25.71
N LEU D 75 -41.52 2.48 25.96
CA LEU D 75 -40.80 2.36 27.23
C LEU D 75 -40.33 3.72 27.76
N SER D 76 -39.84 4.57 26.86
CA SER D 76 -39.38 5.89 27.26
C SER D 76 -40.53 6.75 27.74
N ALA D 77 -41.65 6.69 27.01
CA ALA D 77 -42.84 7.45 27.34
C ALA D 77 -43.41 7.05 28.70
N PHE D 78 -43.60 5.75 28.90
CA PHE D 78 -44.11 5.24 30.16
C PHE D 78 -43.10 5.50 31.27
N THR D 79 -41.84 5.70 30.90
CA THR D 79 -40.82 5.97 31.88
C THR D 79 -40.87 7.44 32.31
N PHE D 80 -40.97 8.35 31.36
CA PHE D 80 -41.03 9.76 31.74
C PHE D 80 -42.32 10.07 32.48
N ALA D 81 -43.42 9.49 32.02
CA ALA D 81 -44.70 9.72 32.67
C ALA D 81 -44.66 9.19 34.09
N GLY D 82 -44.23 7.94 34.23
CA GLY D 82 -44.13 7.31 35.55
C GLY D 82 -43.28 8.11 36.51
N LEU D 83 -42.25 8.77 36.00
CA LEU D 83 -41.38 9.57 36.85
C LEU D 83 -42.09 10.86 37.23
N CYS D 84 -42.78 11.47 36.27
CA CYS D 84 -43.50 12.70 36.58
C CYS D 84 -44.63 12.40 37.56
N TYR D 85 -45.26 11.24 37.41
CA TYR D 85 -46.34 10.84 38.30
C TYR D 85 -45.77 10.81 39.70
N PHE D 86 -44.66 10.12 39.83
CA PHE D 86 -43.98 9.98 41.10
C PHE D 86 -43.61 11.33 41.73
N ASN D 87 -43.21 12.28 40.90
CA ASN D 87 -42.83 13.58 41.41
C ASN D 87 -44.04 14.39 41.84
N TYR D 88 -45.18 14.04 41.26
CA TYR D 88 -46.42 14.75 41.55
C TYR D 88 -47.13 14.09 42.73
N HIS D 89 -47.58 12.86 42.51
CA HIS D 89 -48.31 12.10 43.52
C HIS D 89 -47.42 11.37 44.52
N ASP D 90 -46.20 11.85 44.73
CA ASP D 90 -45.32 11.18 45.67
C ASP D 90 -44.14 12.03 46.15
N VAL D 91 -43.25 11.36 46.86
CA VAL D 91 -42.06 11.96 47.42
C VAL D 91 -41.23 12.79 46.43
N GLY D 92 -40.96 12.22 45.25
CA GLY D 92 -40.13 12.89 44.25
C GLY D 92 -38.82 12.11 44.23
N ILE D 93 -38.19 11.94 43.08
CA ILE D 93 -36.95 11.15 43.05
C ILE D 93 -35.91 11.59 44.08
N CYS D 94 -35.69 12.89 44.22
CA CYS D 94 -34.70 13.41 45.16
C CYS D 94 -34.92 12.91 46.58
N LYS D 95 -36.06 13.24 47.15
CA LYS D 95 -36.37 12.82 48.51
C LYS D 95 -36.42 11.30 48.66
N ALA D 96 -36.72 10.61 47.56
CA ALA D 96 -36.79 9.16 47.57
C ALA D 96 -35.38 8.61 47.73
N VAL D 97 -34.44 9.24 47.04
CA VAL D 97 -33.05 8.84 47.11
C VAL D 97 -32.58 9.09 48.54
N ALA D 98 -32.84 10.31 49.02
CA ALA D 98 -32.48 10.70 50.37
C ALA D 98 -33.01 9.67 51.36
N MET D 99 -34.33 9.50 51.36
CA MET D 99 -34.96 8.54 52.26
C MET D 99 -34.30 7.19 52.14
N LEU D 100 -34.26 6.67 50.92
CA LEU D 100 -33.66 5.38 50.64
C LEU D 100 -32.24 5.25 51.18
N TRP D 101 -31.52 6.36 51.30
CA TRP D 101 -30.15 6.30 51.80
C TRP D 101 -30.03 6.16 53.32
N LYS D 102 -30.73 7.01 54.08
CA LYS D 102 -30.68 6.90 55.52
C LYS D 102 -31.60 5.77 55.94
N LEU D 103 -31.26 4.58 55.45
CA LEU D 103 -32.04 3.37 55.70
C LEU D 103 -31.10 2.17 55.79
#